data_8BAD
#
_entry.id   8BAD
#
_cell.length_a   133.827
_cell.length_b   63.853
_cell.length_c   107.292
_cell.angle_alpha   90.000
_cell.angle_beta   120.400
_cell.angle_gamma   90.000
#
_symmetry.space_group_name_H-M   'C 1 2 1'
#
loop_
_entity.id
_entity.type
_entity.pdbx_description
1 polymer 'Binary toxin A-like protein'
2 non-polymer 'CALCIUM ION'
3 non-polymer 2-[3-(2-HYDROXY-1,1-DIHYDROXYMETHYL-ETHYLAMINO)-PROPYLAMINO]-2-HYDROXYMETHYL-PROPANE-1,3-DIOL
4 non-polymer 'CITRIC ACID'
5 water water
#
_entity_poly.entity_id   1
_entity_poly.type   'polypeptide(L)'
_entity_poly.pdbx_seq_one_letter_code
;MGKSMTFKVGMKYMFKNKNSRKYLDISGNQTGNNANVQQYEYLADAPSERFFLHPLDNNYYAMINLNSGKVIDISGNQTS
NNANIQQYEWLGDAPSEYWYFHREADGHYVIESKHSGKVLDIEGNQTGNNANVQQYEYLADAPSERFAVEEAGSVSLPSI
NTQPLSPVPQYETINDQLPEETERVVTAFTIVPAISVKDPHYGGDTAKQIKENPYYMVVKKQWWKKQESYVLAPSERYDF
VTTTGIRVTDQETATKTVSWSIGADMGFSFKGFSMGMSSQYSQELQTSISHTTEQLKEETQEHHVTNPFLERMAYSRYIL
VTEYYVQRKNGTIVNAPWTMTDKTNAHAVTFPKSTGDLLNESTRKISKSESVK
;
_entity_poly.pdbx_strand_id   A,B
#
loop_
_chem_comp.id
_chem_comp.type
_chem_comp.name
_chem_comp.formula
B3P non-polymer 2-[3-(2-HYDROXY-1,1-DIHYDROXYMETHYL-ETHYLAMINO)-PROPYLAMINO]-2-HYDROXYMETHYL-PROPANE-1,3-DIOL 'C11 H26 N2 O6'
CA non-polymer 'CALCIUM ION' 'Ca 2'
CIT non-polymer 'CITRIC ACID' 'C6 H8 O7'
#
# COMPACT_ATOMS: atom_id res chain seq x y z
N MET A 5 -10.38 -0.26 10.88
CA MET A 5 -9.92 0.66 9.80
C MET A 5 -9.58 -0.13 8.54
N THR A 6 -9.23 -1.43 8.66
CA THR A 6 -9.09 -2.39 7.51
C THR A 6 -10.47 -3.00 7.20
N PHE A 7 -11.24 -2.32 6.35
CA PHE A 7 -12.56 -2.77 5.90
C PHE A 7 -12.31 -3.82 4.82
N LYS A 8 -13.29 -4.64 4.48
CA LYS A 8 -13.07 -5.79 3.58
C LYS A 8 -13.55 -5.45 2.16
N VAL A 9 -12.72 -5.74 1.18
CA VAL A 9 -13.11 -5.59 -0.24
C VAL A 9 -14.20 -6.63 -0.52
N GLY A 10 -15.30 -6.20 -1.12
CA GLY A 10 -16.40 -7.12 -1.51
C GLY A 10 -17.39 -7.36 -0.37
N MET A 11 -17.18 -6.74 0.81
CA MET A 11 -18.15 -6.78 1.93
C MET A 11 -19.15 -5.62 1.73
N LYS A 12 -20.45 -5.92 1.73
CA LYS A 12 -21.50 -4.89 1.72
C LYS A 12 -21.57 -4.29 3.12
N TYR A 13 -21.63 -2.99 3.20
CA TYR A 13 -21.68 -2.27 4.49
C TYR A 13 -22.92 -1.39 4.53
N MET A 14 -23.44 -1.20 5.75
CA MET A 14 -24.48 -0.18 6.05
C MET A 14 -23.96 0.73 7.15
N PHE A 15 -24.41 1.97 7.19
CA PHE A 15 -23.89 3.01 8.09
C PHE A 15 -25.03 3.49 8.98
N LYS A 16 -25.04 3.04 10.22
CA LYS A 16 -26.14 3.29 11.19
C LYS A 16 -25.77 4.50 12.06
N ASN A 17 -26.56 5.57 11.98
CA ASN A 17 -26.26 6.82 12.72
C ASN A 17 -26.51 6.55 14.20
N LYS A 18 -25.57 6.94 15.05
CA LYS A 18 -25.65 6.70 16.51
C LYS A 18 -26.89 7.40 17.08
N ASN A 19 -27.16 8.63 16.66
CA ASN A 19 -28.26 9.45 17.21
C ASN A 19 -29.61 8.92 16.73
N SER A 20 -29.79 8.77 15.42
CA SER A 20 -31.09 8.43 14.78
C SER A 20 -31.32 6.91 14.75
N ARG A 21 -30.25 6.11 14.73
CA ARG A 21 -30.32 4.64 14.51
C ARG A 21 -30.92 4.36 13.13
N LYS A 22 -30.80 5.32 12.21
CA LYS A 22 -31.20 5.15 10.79
C LYS A 22 -29.95 5.15 9.92
N TYR A 23 -30.11 4.78 8.65
CA TYR A 23 -29.01 4.33 7.76
C TYR A 23 -28.77 5.33 6.64
N LEU A 24 -27.50 5.53 6.28
CA LEU A 24 -27.12 6.24 5.04
C LEU A 24 -27.83 5.58 3.87
N ASP A 25 -28.42 6.42 3.03
CA ASP A 25 -29.31 5.98 1.94
C ASP A 25 -29.30 7.02 0.82
N ILE A 26 -29.57 6.58 -0.39
CA ILE A 26 -29.75 7.48 -1.56
C ILE A 26 -31.24 7.75 -1.72
N SER A 27 -31.62 9.03 -1.60
CA SER A 27 -32.99 9.52 -1.86
C SER A 27 -33.57 8.83 -3.11
N GLY A 28 -34.73 8.19 -2.98
CA GLY A 28 -35.57 7.72 -4.08
C GLY A 28 -34.94 6.60 -4.88
N ASN A 29 -33.96 5.89 -4.31
CA ASN A 29 -33.17 4.83 -5.02
C ASN A 29 -32.58 5.41 -6.33
N GLN A 30 -32.20 6.67 -6.33
CA GLN A 30 -31.75 7.36 -7.55
C GLN A 30 -30.37 6.84 -7.96
N THR A 31 -30.11 6.92 -9.25
CA THR A 31 -29.00 6.29 -9.99
C THR A 31 -28.03 7.40 -10.45
N GLY A 32 -28.51 8.64 -10.55
CA GLY A 32 -27.83 9.73 -11.25
C GLY A 32 -26.89 10.52 -10.35
N ASN A 33 -26.00 11.27 -10.98
CA ASN A 33 -25.13 12.28 -10.32
C ASN A 33 -26.00 13.27 -9.54
N ASN A 34 -25.54 13.65 -8.36
CA ASN A 34 -26.07 14.75 -7.52
C ASN A 34 -27.32 14.28 -6.75
N ALA A 35 -27.69 12.99 -6.81
CA ALA A 35 -28.81 12.44 -6.01
C ALA A 35 -28.48 12.64 -4.53
N ASN A 36 -29.47 13.02 -3.73
CA ASN A 36 -29.28 13.36 -2.30
C ASN A 36 -28.92 12.11 -1.48
N VAL A 37 -27.99 12.27 -0.54
CA VAL A 37 -27.73 11.28 0.54
C VAL A 37 -28.55 11.70 1.76
N GLN A 38 -29.34 10.78 2.28
CA GLN A 38 -30.28 11.00 3.40
C GLN A 38 -30.09 9.85 4.39
N GLN A 39 -30.83 9.87 5.50
CA GLN A 39 -30.97 8.66 6.36
C GLN A 39 -32.35 8.05 6.12
N TYR A 40 -32.46 6.75 6.36
CA TYR A 40 -33.72 5.99 6.24
C TYR A 40 -33.63 4.78 7.17
N GLU A 41 -34.76 4.35 7.73
CA GLU A 41 -34.81 3.18 8.64
C GLU A 41 -34.23 1.97 7.92
N TYR A 42 -33.77 0.98 8.69
CA TYR A 42 -33.25 -0.30 8.17
C TYR A 42 -34.30 -0.89 7.21
N LEU A 43 -33.86 -1.30 6.02
CA LEU A 43 -34.64 -2.16 5.10
C LEU A 43 -33.88 -3.47 4.87
N ALA A 44 -34.59 -4.58 4.86
CA ALA A 44 -34.00 -5.94 4.82
C ALA A 44 -33.11 -6.14 3.58
N ASP A 45 -33.46 -5.57 2.42
CA ASP A 45 -32.78 -5.94 1.14
C ASP A 45 -32.84 -4.83 0.09
N ALA A 46 -33.07 -3.59 0.48
CA ALA A 46 -32.93 -2.39 -0.40
C ALA A 46 -31.45 -2.10 -0.70
N PRO A 47 -30.99 -2.25 -1.97
CA PRO A 47 -29.60 -2.00 -2.30
C PRO A 47 -29.16 -0.54 -2.05
N SER A 48 -30.11 0.40 -1.99
CA SER A 48 -29.78 1.85 -1.82
C SER A 48 -29.12 2.11 -0.45
N GLU A 49 -29.28 1.20 0.51
CA GLU A 49 -28.73 1.36 1.88
C GLU A 49 -27.40 0.61 2.01
N ARG A 50 -26.96 -0.11 0.99
CA ARG A 50 -25.70 -0.88 1.02
C ARG A 50 -24.63 -0.17 0.21
N PHE A 51 -23.39 -0.22 0.71
CA PHE A 51 -22.20 0.36 0.07
C PHE A 51 -21.06 -0.64 0.15
N PHE A 52 -20.21 -0.66 -0.88
CA PHE A 52 -18.86 -1.23 -0.78
C PHE A 52 -17.96 -0.14 -0.24
N LEU A 53 -16.97 -0.52 0.52
CA LEU A 53 -15.86 0.38 0.93
C LEU A 53 -14.62 -0.11 0.16
N HIS A 54 -14.06 0.73 -0.68
CA HIS A 54 -12.80 0.39 -1.37
C HIS A 54 -11.69 1.26 -0.84
N PRO A 55 -10.59 0.64 -0.38
CA PRO A 55 -9.43 1.38 0.12
C PRO A 55 -8.81 2.23 -0.99
N LEU A 56 -8.35 3.42 -0.62
CA LEU A 56 -7.70 4.39 -1.53
C LEU A 56 -6.32 4.75 -0.96
N ASP A 57 -5.51 5.42 -1.77
CA ASP A 57 -4.21 5.97 -1.37
C ASP A 57 -4.36 6.73 -0.03
N ASN A 58 -3.40 6.56 0.87
CA ASN A 58 -3.31 7.33 2.15
C ASN A 58 -4.49 6.98 3.07
N ASN A 59 -5.01 5.76 2.93
CA ASN A 59 -5.88 5.13 3.94
C ASN A 59 -7.23 5.82 3.95
N TYR A 60 -7.64 6.41 2.82
CA TYR A 60 -9.03 6.87 2.63
C TYR A 60 -9.83 5.72 2.02
N TYR A 61 -11.12 5.90 1.93
CA TYR A 61 -12.07 4.94 1.33
C TYR A 61 -13.02 5.68 0.42
N ALA A 62 -13.37 5.00 -0.68
CA ALA A 62 -14.53 5.29 -1.52
C ALA A 62 -15.74 4.58 -0.93
N MET A 63 -16.86 5.28 -0.82
CA MET A 63 -18.13 4.70 -0.33
C MET A 63 -19.05 4.55 -1.53
N ILE A 64 -19.17 3.33 -2.04
CA ILE A 64 -19.76 3.01 -3.36
C ILE A 64 -21.14 2.41 -3.14
N ASN A 65 -22.18 3.07 -3.62
CA ASN A 65 -23.58 2.63 -3.41
C ASN A 65 -23.88 1.41 -4.29
N LEU A 66 -24.47 0.36 -3.71
CA LEU A 66 -24.73 -0.89 -4.46
C LEU A 66 -25.87 -0.74 -5.44
N ASN A 67 -26.75 0.24 -5.26
CA ASN A 67 -27.84 0.50 -6.22
C ASN A 67 -27.31 1.33 -7.38
N SER A 68 -26.63 2.45 -7.12
CA SER A 68 -26.27 3.47 -8.15
C SER A 68 -24.90 3.18 -8.80
N GLY A 69 -23.96 2.56 -8.06
CA GLY A 69 -22.56 2.42 -8.47
C GLY A 69 -21.82 3.74 -8.40
N LYS A 70 -22.44 4.78 -7.81
CA LYS A 70 -21.84 6.12 -7.62
C LYS A 70 -21.44 6.23 -6.15
N VAL A 71 -20.73 7.28 -5.77
CA VAL A 71 -19.97 7.33 -4.50
C VAL A 71 -20.40 8.55 -3.73
N ILE A 72 -20.22 8.48 -2.42
CA ILE A 72 -20.52 9.60 -1.50
C ILE A 72 -19.56 10.76 -1.81
N ASP A 73 -20.11 11.97 -1.85
CA ASP A 73 -19.48 13.18 -2.45
C ASP A 73 -20.03 14.42 -1.73
N ILE A 74 -19.33 15.53 -1.83
CA ILE A 74 -19.81 16.86 -1.31
C ILE A 74 -20.32 17.68 -2.49
N SER A 75 -21.57 18.11 -2.43
CA SER A 75 -22.18 19.04 -3.40
C SER A 75 -21.27 20.27 -3.58
N GLY A 76 -20.87 20.54 -4.84
CA GLY A 76 -20.10 21.73 -5.26
C GLY A 76 -18.73 21.79 -4.61
N ASN A 77 -18.23 20.69 -4.06
CA ASN A 77 -16.84 20.64 -3.54
C ASN A 77 -16.65 21.65 -2.40
N GLN A 78 -17.71 21.88 -1.64
CA GLN A 78 -17.76 22.92 -0.58
C GLN A 78 -16.96 22.44 0.64
N THR A 79 -16.39 23.38 1.38
CA THR A 79 -15.56 23.11 2.57
C THR A 79 -16.29 23.58 3.82
N SER A 80 -17.49 24.18 3.70
CA SER A 80 -18.19 24.86 4.81
C SER A 80 -19.08 23.87 5.56
N ASN A 81 -19.35 24.20 6.83
CA ASN A 81 -20.43 23.61 7.63
C ASN A 81 -21.73 23.61 6.81
N ASN A 82 -22.49 22.53 6.93
CA ASN A 82 -23.87 22.41 6.42
C ASN A 82 -23.85 22.12 4.93
N ALA A 83 -22.68 21.97 4.30
CA ALA A 83 -22.58 21.61 2.87
C ALA A 83 -23.25 20.26 2.68
N ASN A 84 -24.01 20.12 1.60
CA ASN A 84 -24.84 18.92 1.35
C ASN A 84 -23.95 17.74 0.95
N ILE A 85 -24.32 16.53 1.37
CA ILE A 85 -23.71 15.25 0.91
C ILE A 85 -24.65 14.59 -0.11
N GLN A 86 -24.08 14.16 -1.23
CA GLN A 86 -24.79 13.62 -2.41
C GLN A 86 -24.04 12.39 -2.88
N GLN A 87 -24.49 11.78 -3.97
CA GLN A 87 -23.65 10.81 -4.71
C GLN A 87 -23.17 11.46 -6.01
N TYR A 88 -22.09 10.95 -6.55
CA TYR A 88 -21.48 11.39 -7.81
C TYR A 88 -20.62 10.25 -8.36
N GLU A 89 -20.46 10.20 -9.67
CA GLU A 89 -19.61 9.16 -10.30
C GLU A 89 -18.20 9.29 -9.73
N TRP A 90 -17.53 8.16 -9.53
CA TRP A 90 -16.10 8.14 -9.12
C TRP A 90 -15.28 8.87 -10.18
N LEU A 91 -14.54 9.92 -9.80
CA LEU A 91 -13.69 10.69 -10.75
C LEU A 91 -12.20 10.35 -10.58
N GLY A 92 -11.80 9.84 -9.43
CA GLY A 92 -10.37 9.65 -9.06
C GLY A 92 -9.75 10.93 -8.51
N ASP A 93 -9.82 12.04 -9.23
CA ASP A 93 -9.09 13.27 -8.87
C ASP A 93 -10.02 14.21 -8.10
N ALA A 94 -11.06 13.68 -7.45
CA ALA A 94 -12.05 14.47 -6.67
C ALA A 94 -11.88 14.20 -5.17
N PRO A 95 -11.12 15.03 -4.43
CA PRO A 95 -10.88 14.76 -3.02
C PRO A 95 -12.16 14.67 -2.17
N SER A 96 -13.26 15.24 -2.67
N SER A 96 -13.26 15.24 -2.67
CA SER A 96 -14.58 15.25 -1.98
CA SER A 96 -14.57 15.24 -1.95
C SER A 96 -15.21 13.85 -1.99
C SER A 96 -15.21 13.84 -1.99
N GLU A 97 -14.60 12.91 -2.72
CA GLU A 97 -15.07 11.50 -2.82
C GLU A 97 -14.21 10.57 -1.93
N TYR A 98 -13.27 11.14 -1.17
CA TYR A 98 -12.33 10.40 -0.29
C TYR A 98 -12.71 10.63 1.17
N TRP A 99 -12.85 9.54 1.92
CA TRP A 99 -13.39 9.54 3.30
C TRP A 99 -12.42 8.80 4.23
N TYR A 100 -12.07 9.42 5.34
CA TYR A 100 -11.20 8.84 6.39
C TYR A 100 -12.06 8.46 7.58
N PHE A 101 -11.91 7.23 8.04
CA PHE A 101 -12.73 6.58 9.09
C PHE A 101 -11.99 6.64 10.41
N HIS A 102 -12.43 7.49 11.34
CA HIS A 102 -11.89 7.58 12.71
C HIS A 102 -12.74 6.72 13.65
N ARG A 103 -12.16 5.70 14.28
CA ARG A 103 -12.83 4.80 15.24
C ARG A 103 -12.84 5.46 16.61
N GLU A 104 -13.98 5.46 17.28
CA GLU A 104 -14.10 5.90 18.68
C GLU A 104 -14.18 4.67 19.58
N ALA A 105 -14.06 4.91 20.90
CA ALA A 105 -13.88 3.92 21.97
C ALA A 105 -15.03 2.90 21.94
N ASP A 106 -16.24 3.34 21.59
CA ASP A 106 -17.47 2.50 21.63
C ASP A 106 -17.68 1.78 20.28
N GLY A 107 -16.76 1.94 19.31
CA GLY A 107 -16.83 1.23 18.02
C GLY A 107 -17.57 2.01 16.93
N HIS A 108 -18.15 3.17 17.25
CA HIS A 108 -18.70 4.09 16.20
C HIS A 108 -17.54 4.71 15.44
N TYR A 109 -17.79 5.17 14.23
CA TYR A 109 -16.81 5.92 13.41
C TYR A 109 -17.29 7.34 13.18
N VAL A 110 -16.34 8.25 13.09
CA VAL A 110 -16.55 9.60 12.54
C VAL A 110 -15.88 9.61 11.16
N ILE A 111 -16.58 10.11 10.16
CA ILE A 111 -16.19 9.93 8.74
C ILE A 111 -15.85 11.31 8.16
N GLU A 112 -14.55 11.53 7.96
CA GLU A 112 -13.94 12.87 7.68
C GLU A 112 -13.62 12.98 6.18
N SER A 113 -14.00 14.09 5.57
CA SER A 113 -13.67 14.41 4.16
C SER A 113 -12.18 14.71 4.04
N LYS A 114 -11.51 14.07 3.10
CA LYS A 114 -10.16 14.48 2.68
C LYS A 114 -10.17 15.97 2.28
N HIS A 115 -11.17 16.40 1.50
CA HIS A 115 -11.26 17.75 0.93
C HIS A 115 -11.48 18.79 2.05
N SER A 116 -12.53 18.65 2.84
CA SER A 116 -13.06 19.74 3.74
C SER A 116 -12.49 19.63 5.16
N GLY A 117 -12.15 18.44 5.64
CA GLY A 117 -11.77 18.22 7.05
C GLY A 117 -13.00 18.18 7.95
N LYS A 118 -14.20 18.26 7.37
CA LYS A 118 -15.47 18.14 8.11
C LYS A 118 -15.96 16.70 7.98
N VAL A 119 -17.00 16.35 8.71
CA VAL A 119 -17.41 14.93 8.89
C VAL A 119 -18.87 14.80 8.50
N LEU A 120 -19.26 13.61 8.11
CA LEU A 120 -20.66 13.25 7.82
C LEU A 120 -21.50 13.50 9.06
N ASP A 121 -22.71 13.98 8.86
CA ASP A 121 -23.56 14.50 9.94
C ASP A 121 -25.02 14.43 9.48
N ILE A 122 -25.95 14.27 10.42
CA ILE A 122 -27.40 14.39 10.12
C ILE A 122 -27.84 15.81 10.47
N GLU A 123 -28.25 16.56 9.46
CA GLU A 123 -28.70 17.97 9.62
C GLU A 123 -29.64 18.06 10.81
N GLY A 124 -29.36 18.98 11.75
CA GLY A 124 -30.24 19.34 12.88
C GLY A 124 -30.43 18.20 13.87
N ASN A 125 -29.52 17.23 13.92
CA ASN A 125 -29.60 16.07 14.85
C ASN A 125 -30.92 15.34 14.63
N GLN A 126 -31.46 15.35 13.41
CA GLN A 126 -32.81 14.81 13.12
C GLN A 126 -32.80 13.29 13.21
N THR A 127 -33.93 12.72 13.64
CA THR A 127 -34.10 11.28 13.93
C THR A 127 -35.06 10.63 12.92
N GLY A 128 -35.72 11.42 12.06
CA GLY A 128 -36.78 10.94 11.17
C GLY A 128 -36.25 10.40 9.86
N ASN A 129 -37.03 9.56 9.19
CA ASN A 129 -36.77 9.11 7.81
C ASN A 129 -36.56 10.34 6.91
N ASN A 130 -35.60 10.27 5.99
CA ASN A 130 -35.40 11.24 4.89
C ASN A 130 -34.71 12.51 5.41
N ALA A 131 -34.30 12.55 6.69
CA ALA A 131 -33.45 13.63 7.22
C ALA A 131 -32.16 13.66 6.40
N ASN A 132 -31.72 14.87 6.08
CA ASN A 132 -30.60 15.13 5.15
C ASN A 132 -29.28 14.74 5.81
N VAL A 133 -28.35 14.18 5.03
CA VAL A 133 -26.94 14.02 5.47
C VAL A 133 -26.11 15.20 4.94
N GLN A 134 -25.36 15.87 5.81
CA GLN A 134 -24.50 17.05 5.47
C GLN A 134 -23.10 16.78 6.00
N GLN A 135 -22.19 17.75 5.88
CA GLN A 135 -20.91 17.74 6.61
C GLN A 135 -20.98 18.82 7.67
N TYR A 136 -20.30 18.59 8.77
CA TYR A 136 -20.16 19.59 9.86
C TYR A 136 -18.77 19.44 10.46
N GLU A 137 -18.23 20.53 11.01
CA GLU A 137 -16.97 20.49 11.74
C GLU A 137 -17.07 19.38 12.78
N TYR A 138 -15.95 18.70 12.99
CA TYR A 138 -15.77 17.64 14.01
C TYR A 138 -16.08 18.19 15.41
N LEU A 139 -16.93 17.48 16.17
CA LEU A 139 -17.38 17.88 17.54
C LEU A 139 -17.26 16.69 18.48
N ALA A 140 -16.73 16.91 19.69
CA ALA A 140 -16.43 15.87 20.70
C ALA A 140 -17.74 15.15 21.11
N ASP A 141 -18.82 15.90 21.27
CA ASP A 141 -20.13 15.33 21.64
C ASP A 141 -21.15 15.79 20.62
N ALA A 142 -21.40 14.92 19.65
CA ALA A 142 -22.37 15.11 18.56
C ALA A 142 -22.68 13.75 17.98
N PRO A 143 -23.59 12.96 18.61
CA PRO A 143 -23.87 11.60 18.15
C PRO A 143 -24.40 11.55 16.71
N SER A 144 -24.82 12.69 16.18
CA SER A 144 -25.28 12.85 14.78
C SER A 144 -24.10 12.65 13.80
N GLU A 145 -22.85 12.84 14.27
CA GLU A 145 -21.60 12.67 13.47
C GLU A 145 -21.05 11.24 13.58
N ARG A 146 -21.70 10.35 14.34
CA ARG A 146 -21.18 8.97 14.61
C ARG A 146 -22.02 7.94 13.86
N PHE A 147 -21.35 7.01 13.20
CA PHE A 147 -21.95 5.92 12.39
C PHE A 147 -21.31 4.61 12.77
N ALA A 148 -22.16 3.62 13.01
CA ALA A 148 -21.75 2.20 13.15
C ALA A 148 -21.57 1.64 11.74
N VAL A 149 -20.44 1.03 11.47
CA VAL A 149 -20.16 0.40 10.16
C VAL A 149 -20.54 -1.07 10.32
N GLU A 150 -21.64 -1.49 9.72
CA GLU A 150 -22.19 -2.86 9.91
C GLU A 150 -21.99 -3.68 8.62
N GLU A 151 -21.37 -4.84 8.74
CA GLU A 151 -21.29 -5.85 7.68
C GLU A 151 -22.70 -6.32 7.32
N ALA A 152 -23.03 -6.37 6.03
CA ALA A 152 -24.37 -6.73 5.55
C ALA A 152 -24.24 -7.84 4.50
N GLY A 153 -23.14 -8.58 4.54
CA GLY A 153 -22.97 -9.78 3.70
C GLY A 153 -21.95 -9.52 2.62
N SER A 154 -21.16 -10.52 2.30
CA SER A 154 -20.02 -10.36 1.38
C SER A 154 -20.28 -11.11 0.10
N VAL A 155 -19.61 -10.61 -0.92
CA VAL A 155 -19.76 -10.94 -2.35
C VAL A 155 -18.48 -11.65 -2.75
N SER A 156 -18.56 -12.72 -3.51
CA SER A 156 -17.40 -13.47 -4.06
C SER A 156 -16.60 -12.57 -5.00
N LEU A 157 -15.29 -12.67 -4.91
CA LEU A 157 -14.36 -11.89 -5.76
C LEU A 157 -13.78 -12.80 -6.83
N PRO A 158 -13.43 -12.28 -8.01
CA PRO A 158 -12.74 -13.05 -9.01
C PRO A 158 -11.36 -13.45 -8.50
N SER A 159 -10.77 -14.41 -9.15
CA SER A 159 -9.54 -15.09 -8.72
C SER A 159 -8.83 -15.61 -9.95
N ILE A 160 -7.52 -15.75 -9.88
CA ILE A 160 -6.72 -16.49 -10.89
C ILE A 160 -5.51 -17.06 -10.17
N ASN A 161 -4.99 -18.17 -10.66
CA ASN A 161 -3.79 -18.83 -10.12
C ASN A 161 -2.54 -18.09 -10.62
N THR A 162 -1.64 -17.75 -9.71
CA THR A 162 -0.34 -17.11 -10.02
C THR A 162 0.77 -18.16 -9.84
N GLN A 163 1.94 -17.89 -10.38
CA GLN A 163 3.09 -18.77 -10.17
C GLN A 163 4.37 -17.98 -10.41
N PRO A 164 5.53 -18.54 -10.05
CA PRO A 164 6.81 -17.90 -10.35
C PRO A 164 7.01 -17.72 -11.87
N LEU A 165 7.67 -16.64 -12.22
CA LEU A 165 8.19 -16.41 -13.59
C LEU A 165 9.09 -17.59 -13.99
N SER A 166 9.03 -18.02 -15.25
CA SER A 166 9.99 -19.01 -15.80
C SER A 166 11.40 -18.43 -15.67
N PRO A 167 12.42 -19.26 -15.46
CA PRO A 167 13.80 -18.77 -15.53
C PRO A 167 14.19 -18.44 -16.98
N VAL A 168 15.20 -17.61 -17.15
CA VAL A 168 15.79 -17.32 -18.49
C VAL A 168 16.41 -18.62 -18.98
N PRO A 169 16.08 -19.10 -20.20
CA PRO A 169 16.73 -20.29 -20.75
C PRO A 169 18.26 -20.16 -20.81
N GLN A 170 18.97 -21.25 -20.60
CA GLN A 170 20.45 -21.35 -20.59
C GLN A 170 20.91 -22.40 -21.59
N TYR A 171 22.08 -22.22 -22.19
CA TYR A 171 22.78 -23.25 -22.99
C TYR A 171 23.36 -24.30 -22.05
N GLU A 172 23.19 -25.56 -22.39
CA GLU A 172 23.95 -26.71 -21.81
C GLU A 172 25.12 -27.03 -22.72
N THR A 173 24.96 -26.86 -24.04
CA THR A 173 26.02 -27.05 -25.07
C THR A 173 25.93 -25.93 -26.10
N ILE A 174 26.98 -25.79 -26.92
CA ILE A 174 27.03 -24.77 -28.01
C ILE A 174 25.95 -25.07 -29.08
N ASN A 175 25.44 -26.31 -29.15
CA ASN A 175 24.47 -26.72 -30.21
C ASN A 175 23.01 -26.52 -29.77
N ASP A 176 22.74 -26.20 -28.51
CA ASP A 176 21.35 -26.10 -27.98
C ASP A 176 20.59 -25.04 -28.79
N GLN A 177 19.33 -25.31 -29.08
CA GLN A 177 18.36 -24.38 -29.71
C GLN A 177 17.45 -23.85 -28.61
N LEU A 178 17.72 -22.68 -28.06
CA LEU A 178 16.96 -22.12 -26.93
C LEU A 178 15.60 -21.64 -27.45
N PRO A 179 14.52 -21.77 -26.65
CA PRO A 179 13.16 -21.48 -27.15
C PRO A 179 12.97 -19.99 -27.46
N GLU A 180 12.09 -19.71 -28.43
CA GLU A 180 11.68 -18.34 -28.81
C GLU A 180 11.04 -17.64 -27.61
N GLU A 181 10.32 -18.37 -26.76
CA GLU A 181 9.58 -17.81 -25.58
C GLU A 181 9.52 -18.86 -24.49
N THR A 182 9.51 -18.42 -23.25
CA THR A 182 9.16 -19.26 -22.09
C THR A 182 7.64 -19.28 -22.00
N GLU A 183 7.12 -20.22 -21.23
CA GLU A 183 5.72 -20.32 -20.79
C GLU A 183 5.28 -18.93 -20.30
N ARG A 184 4.08 -18.51 -20.67
CA ARG A 184 3.45 -17.27 -20.17
C ARG A 184 2.72 -17.60 -18.87
N VAL A 185 3.05 -16.92 -17.78
CA VAL A 185 2.49 -17.22 -16.44
C VAL A 185 1.98 -15.92 -15.84
N VAL A 186 0.94 -16.02 -15.05
CA VAL A 186 0.39 -14.91 -14.25
C VAL A 186 1.27 -14.80 -13.00
N THR A 187 1.95 -13.68 -12.83
CA THR A 187 2.83 -13.41 -11.68
C THR A 187 2.12 -12.52 -10.68
N ALA A 188 0.99 -11.87 -11.03
CA ALA A 188 0.28 -10.96 -10.10
C ALA A 188 -1.09 -10.65 -10.63
N PHE A 189 -2.04 -10.37 -9.73
CA PHE A 189 -3.33 -9.77 -10.11
C PHE A 189 -3.81 -8.89 -8.96
N THR A 190 -4.76 -8.02 -9.26
CA THR A 190 -5.41 -7.15 -8.27
C THR A 190 -6.88 -7.07 -8.61
N ILE A 191 -7.71 -6.99 -7.58
CA ILE A 191 -9.17 -6.91 -7.69
C ILE A 191 -9.57 -5.45 -7.51
N VAL A 192 -10.21 -4.89 -8.49
CA VAL A 192 -10.59 -3.46 -8.51
C VAL A 192 -12.11 -3.37 -8.60
N PRO A 193 -12.70 -2.36 -7.94
CA PRO A 193 -14.14 -2.12 -8.06
C PRO A 193 -14.51 -1.61 -9.46
N ALA A 194 -15.78 -1.72 -9.81
CA ALA A 194 -16.36 -1.27 -11.09
C ALA A 194 -16.03 0.21 -11.30
N ILE A 195 -15.88 1.00 -10.22
CA ILE A 195 -15.62 2.46 -10.37
C ILE A 195 -14.27 2.64 -11.10
N SER A 196 -13.39 1.64 -11.05
CA SER A 196 -11.99 1.64 -11.58
C SER A 196 -11.94 1.25 -13.06
N VAL A 197 -13.03 0.73 -13.64
CA VAL A 197 -13.04 0.15 -15.02
C VAL A 197 -14.12 0.80 -15.88
N LYS A 198 -13.71 1.35 -17.02
CA LYS A 198 -14.61 1.82 -18.08
C LYS A 198 -14.83 0.63 -19.01
N ASP A 199 -15.98 0.00 -18.89
CA ASP A 199 -16.33 -1.27 -19.58
C ASP A 199 -17.34 -0.92 -20.68
N PRO A 200 -16.99 -1.11 -21.97
CA PRO A 200 -17.92 -0.77 -23.07
C PRO A 200 -19.23 -1.58 -23.04
N HIS A 201 -19.29 -2.71 -22.34
CA HIS A 201 -20.54 -3.49 -22.18
C HIS A 201 -21.55 -2.70 -21.34
N TYR A 202 -21.12 -1.69 -20.57
CA TYR A 202 -22.02 -0.90 -19.67
C TYR A 202 -21.99 0.60 -20.00
N GLY A 203 -20.96 1.08 -20.70
CA GLY A 203 -20.73 2.52 -20.90
C GLY A 203 -20.83 3.28 -19.59
N GLY A 204 -21.64 4.34 -19.55
CA GLY A 204 -21.81 5.20 -18.37
C GLY A 204 -22.88 4.69 -17.42
N ASP A 205 -23.43 3.50 -17.66
CA ASP A 205 -24.48 2.88 -16.80
C ASP A 205 -23.84 2.25 -15.55
N THR A 206 -23.57 3.04 -14.53
CA THR A 206 -22.82 2.63 -13.33
C THR A 206 -23.68 1.64 -12.52
N ALA A 207 -25.00 1.84 -12.51
CA ALA A 207 -25.96 1.00 -11.76
C ALA A 207 -25.94 -0.40 -12.34
N LYS A 208 -26.06 -0.55 -13.65
CA LYS A 208 -26.10 -1.91 -14.25
C LYS A 208 -24.71 -2.56 -14.08
N GLN A 209 -23.64 -1.78 -14.24
CA GLN A 209 -22.25 -2.31 -14.14
C GLN A 209 -22.02 -2.89 -12.74
N ILE A 210 -22.37 -2.16 -11.68
CA ILE A 210 -22.10 -2.66 -10.30
C ILE A 210 -23.00 -3.87 -9.98
N LYS A 211 -24.21 -3.92 -10.52
CA LYS A 211 -25.15 -5.07 -10.26
C LYS A 211 -24.59 -6.34 -10.90
N GLU A 212 -24.06 -6.24 -12.10
CA GLU A 212 -23.60 -7.42 -12.89
C GLU A 212 -22.12 -7.70 -12.64
N ASN A 213 -21.32 -6.68 -12.37
CA ASN A 213 -19.85 -6.85 -12.34
C ASN A 213 -19.23 -5.87 -11.34
N PRO A 214 -19.51 -6.03 -10.02
CA PRO A 214 -19.03 -5.07 -9.02
C PRO A 214 -17.49 -5.05 -8.92
N TYR A 215 -16.84 -6.14 -9.31
CA TYR A 215 -15.36 -6.28 -9.18
C TYR A 215 -14.79 -6.90 -10.44
N TYR A 216 -13.68 -6.30 -10.89
CA TYR A 216 -12.89 -6.77 -12.04
C TYR A 216 -11.54 -7.24 -11.53
N MET A 217 -10.85 -7.99 -12.37
CA MET A 217 -9.52 -8.49 -12.04
C MET A 217 -8.53 -7.95 -13.07
N VAL A 218 -7.51 -7.21 -12.64
CA VAL A 218 -6.42 -6.81 -13.55
C VAL A 218 -5.28 -7.81 -13.38
N VAL A 219 -4.94 -8.49 -14.47
CA VAL A 219 -4.03 -9.66 -14.51
C VAL A 219 -2.73 -9.22 -15.15
N LYS A 220 -1.60 -9.66 -14.62
CA LYS A 220 -0.24 -9.40 -15.13
C LYS A 220 0.40 -10.73 -15.49
N LYS A 221 0.64 -10.94 -16.76
CA LYS A 221 1.17 -12.20 -17.32
C LYS A 221 2.55 -11.88 -17.93
N GLN A 222 3.54 -12.70 -17.67
CA GLN A 222 4.94 -12.40 -18.03
C GLN A 222 5.59 -13.66 -18.63
N TRP A 223 6.59 -13.41 -19.45
CA TRP A 223 7.40 -14.45 -20.10
C TRP A 223 8.67 -13.80 -20.67
N TRP A 224 9.66 -14.63 -20.94
CA TRP A 224 10.91 -14.22 -21.63
C TRP A 224 10.75 -14.47 -23.12
N LYS A 225 11.12 -13.47 -23.93
CA LYS A 225 11.09 -13.56 -25.40
C LYS A 225 12.52 -13.45 -25.90
N LYS A 226 12.91 -14.36 -26.78
CA LYS A 226 14.26 -14.34 -27.42
C LYS A 226 14.28 -13.22 -28.46
N GLN A 227 15.21 -12.27 -28.32
CA GLN A 227 15.40 -11.13 -29.26
C GLN A 227 16.36 -11.53 -30.37
N GLU A 228 17.35 -12.38 -30.04
CA GLU A 228 18.57 -12.63 -30.85
C GLU A 228 19.12 -14.01 -30.51
N SER A 229 19.60 -14.75 -31.51
CA SER A 229 20.48 -15.95 -31.38
C SER A 229 21.56 -15.87 -32.43
N TYR A 230 22.83 -16.06 -32.04
CA TYR A 230 23.98 -16.01 -32.98
C TYR A 230 25.10 -16.84 -32.39
N VAL A 231 25.89 -17.48 -33.23
CA VAL A 231 27.14 -18.15 -32.79
C VAL A 231 28.31 -17.34 -33.34
N LEU A 232 29.03 -16.66 -32.45
CA LEU A 232 30.21 -15.86 -32.77
C LEU A 232 31.40 -16.81 -33.01
N ALA A 233 32.09 -16.60 -34.12
CA ALA A 233 33.45 -17.12 -34.35
C ALA A 233 34.39 -16.51 -33.30
N PRO A 234 35.54 -17.15 -32.98
CA PRO A 234 36.57 -16.52 -32.18
C PRO A 234 36.92 -15.18 -32.83
N SER A 235 37.06 -14.11 -32.05
CA SER A 235 37.51 -12.80 -32.57
C SER A 235 36.34 -11.99 -33.15
N GLU A 236 35.14 -12.59 -33.23
CA GLU A 236 33.99 -11.92 -33.89
C GLU A 236 33.36 -10.91 -32.92
N ARG A 237 33.00 -9.76 -33.46
CA ARG A 237 32.08 -8.79 -32.82
C ARG A 237 30.78 -8.86 -33.60
N TYR A 238 29.68 -9.01 -32.89
CA TYR A 238 28.30 -9.03 -33.44
C TYR A 238 27.52 -7.83 -32.91
N ASP A 239 27.09 -6.94 -33.81
CA ASP A 239 26.25 -5.75 -33.51
C ASP A 239 24.85 -5.97 -34.10
N PHE A 240 23.82 -5.57 -33.36
CA PHE A 240 22.40 -5.71 -33.75
C PHE A 240 21.58 -4.66 -33.01
N VAL A 241 20.32 -4.60 -33.38
CA VAL A 241 19.35 -3.57 -32.93
C VAL A 241 18.12 -4.31 -32.42
N THR A 242 17.49 -3.78 -31.39
CA THR A 242 16.20 -4.29 -30.85
C THR A 242 15.21 -3.14 -30.77
N THR A 243 13.94 -3.47 -30.89
CA THR A 243 12.81 -2.53 -30.67
C THR A 243 12.08 -2.99 -29.43
N THR A 244 11.90 -2.08 -28.49
CA THR A 244 11.33 -2.39 -27.16
C THR A 244 10.31 -1.33 -26.80
N GLY A 245 9.51 -1.59 -25.78
CA GLY A 245 8.52 -0.63 -25.26
C GLY A 245 7.11 -1.11 -25.52
N ILE A 246 6.25 -0.24 -26.02
CA ILE A 246 4.78 -0.49 -26.08
C ILE A 246 4.23 0.32 -27.23
N ARG A 247 3.28 -0.26 -27.97
CA ARG A 247 2.54 0.40 -29.07
C ARG A 247 1.65 1.52 -28.52
N VAL A 248 1.49 2.61 -29.26
CA VAL A 248 0.55 3.71 -28.91
C VAL A 248 -0.84 3.11 -28.68
N THR A 249 -1.26 2.17 -29.55
CA THR A 249 -2.55 1.42 -29.49
C THR A 249 -2.74 0.85 -28.08
N ASP A 250 -1.70 0.19 -27.57
CA ASP A 250 -1.75 -0.53 -26.28
C ASP A 250 -1.83 0.47 -25.12
N GLN A 251 -1.08 1.58 -25.16
CA GLN A 251 -1.18 2.67 -24.16
C GLN A 251 -2.63 3.20 -24.17
N GLU A 252 -3.23 3.37 -25.34
CA GLU A 252 -4.63 3.89 -25.48
C GLU A 252 -5.61 2.87 -24.88
N THR A 253 -5.35 1.59 -25.02
CA THR A 253 -6.25 0.55 -24.45
C THR A 253 -6.18 0.63 -22.92
N ALA A 254 -4.99 0.72 -22.36
CA ALA A 254 -4.80 0.84 -20.90
C ALA A 254 -5.55 2.07 -20.41
N THR A 255 -5.28 3.21 -21.04
CA THR A 255 -5.83 4.53 -20.63
C THR A 255 -7.35 4.46 -20.64
N LYS A 256 -7.96 3.95 -21.71
CA LYS A 256 -9.44 3.99 -21.83
C LYS A 256 -10.05 2.91 -20.91
N THR A 257 -9.30 1.88 -20.49
CA THR A 257 -9.88 0.75 -19.69
C THR A 257 -9.72 1.01 -18.19
N VAL A 258 -8.51 1.37 -17.74
CA VAL A 258 -8.19 1.54 -16.29
C VAL A 258 -7.61 2.92 -15.99
N SER A 259 -7.48 3.81 -16.96
CA SER A 259 -7.07 5.23 -16.77
C SER A 259 -5.65 5.27 -16.18
N TRP A 260 -4.79 4.32 -16.56
CA TRP A 260 -3.33 4.43 -16.38
C TRP A 260 -2.63 3.88 -17.59
N SER A 261 -1.37 4.25 -17.72
CA SER A 261 -0.51 3.86 -18.83
C SER A 261 0.90 3.60 -18.27
N ILE A 262 1.82 3.22 -19.13
CA ILE A 262 3.24 2.94 -18.76
C ILE A 262 4.07 4.20 -18.98
N GLY A 263 4.68 4.74 -17.93
CA GLY A 263 5.63 5.84 -18.02
C GLY A 263 6.93 5.41 -18.69
N ALA A 264 7.69 6.37 -19.19
CA ALA A 264 8.98 6.16 -19.90
C ALA A 264 9.98 5.45 -18.97
N ASP A 265 9.79 5.52 -17.65
CA ASP A 265 10.68 4.88 -16.64
C ASP A 265 10.14 3.50 -16.27
N MET A 266 9.15 2.98 -16.99
CA MET A 266 8.54 1.61 -16.81
C MET A 266 7.58 1.58 -15.62
N GLY A 267 7.37 2.70 -14.92
CA GLY A 267 6.39 2.79 -13.81
C GLY A 267 4.97 2.97 -14.33
N PHE A 268 3.97 2.80 -13.46
CA PHE A 268 2.56 3.11 -13.78
C PHE A 268 2.39 4.61 -13.73
N SER A 269 1.75 5.15 -14.76
CA SER A 269 1.40 6.58 -14.89
C SER A 269 -0.11 6.75 -14.67
N PHE A 270 -0.50 7.29 -13.51
CA PHE A 270 -1.92 7.35 -13.08
C PHE A 270 -2.50 8.73 -13.42
N LYS A 271 -3.78 8.75 -13.73
CA LYS A 271 -4.56 9.97 -14.00
C LYS A 271 -6.03 9.61 -13.94
N GLY A 272 -6.89 10.62 -13.85
CA GLY A 272 -8.34 10.43 -13.90
C GLY A 272 -8.78 9.39 -12.91
N PHE A 273 -9.59 8.42 -13.33
CA PHE A 273 -10.34 7.53 -12.40
C PHE A 273 -9.42 6.46 -11.81
N SER A 274 -8.11 6.44 -12.12
CA SER A 274 -7.11 5.58 -11.43
C SER A 274 -6.44 6.33 -10.26
N MET A 275 -6.52 7.66 -10.20
N MET A 275 -6.52 7.65 -10.20
CA MET A 275 -6.02 8.44 -9.04
CA MET A 275 -5.99 8.42 -9.05
C MET A 275 -6.73 7.95 -7.79
C MET A 275 -6.73 7.97 -7.78
N GLY A 276 -5.99 7.75 -6.69
CA GLY A 276 -6.52 7.12 -5.47
C GLY A 276 -6.21 5.62 -5.42
N MET A 277 -5.82 5.01 -6.54
N MET A 277 -5.83 5.01 -6.54
CA MET A 277 -5.56 3.56 -6.64
CA MET A 277 -5.58 3.56 -6.64
C MET A 277 -4.10 3.29 -6.99
C MET A 277 -4.11 3.29 -6.99
N SER A 278 -3.25 4.31 -6.94
CA SER A 278 -1.83 4.21 -7.34
C SER A 278 -1.09 3.23 -6.43
N SER A 279 -1.36 3.26 -5.13
CA SER A 279 -0.74 2.32 -4.14
C SER A 279 -1.20 0.89 -4.43
N GLN A 280 -2.48 0.64 -4.54
CA GLN A 280 -2.99 -0.75 -4.77
C GLN A 280 -2.41 -1.29 -6.09
N TYR A 281 -2.51 -0.53 -7.16
CA TYR A 281 -2.03 -1.00 -8.49
C TYR A 281 -0.53 -1.30 -8.46
N SER A 282 0.28 -0.36 -7.96
CA SER A 282 1.75 -0.49 -7.96
C SER A 282 2.17 -1.66 -7.04
N GLN A 283 1.56 -1.79 -5.86
CA GLN A 283 1.94 -2.80 -4.84
C GLN A 283 1.50 -4.21 -5.32
N GLU A 284 0.26 -4.35 -5.75
CA GLU A 284 -0.33 -5.69 -5.99
C GLU A 284 0.09 -6.19 -7.36
N LEU A 285 0.35 -5.30 -8.31
CA LEU A 285 0.87 -5.75 -9.64
C LEU A 285 2.40 -5.65 -9.66
N GLN A 286 3.02 -5.28 -8.54
CA GLN A 286 4.51 -5.35 -8.34
C GLN A 286 5.20 -4.54 -9.46
N THR A 287 4.76 -3.31 -9.64
CA THR A 287 5.29 -2.33 -10.63
C THR A 287 5.36 -0.96 -9.93
N SER A 288 6.47 -0.29 -10.02
CA SER A 288 6.71 1.06 -9.45
C SER A 288 5.68 2.07 -9.97
N ILE A 289 5.45 3.12 -9.19
CA ILE A 289 4.76 4.34 -9.66
C ILE A 289 5.76 5.13 -10.51
N SER A 290 5.33 5.59 -11.69
CA SER A 290 6.20 6.37 -12.61
C SER A 290 6.56 7.70 -11.92
N HIS A 291 7.80 8.16 -12.11
CA HIS A 291 8.26 9.50 -11.63
C HIS A 291 8.29 10.47 -12.80
N THR A 292 7.57 10.16 -13.90
CA THR A 292 7.58 10.98 -15.13
C THR A 292 6.18 11.02 -15.74
N THR A 293 5.83 12.14 -16.38
CA THR A 293 4.62 12.30 -17.23
C THR A 293 4.91 11.70 -18.62
N GLU A 294 6.17 11.57 -18.99
CA GLU A 294 6.58 10.99 -20.28
C GLU A 294 6.14 9.53 -20.35
N GLN A 295 5.50 9.17 -21.45
CA GLN A 295 4.92 7.84 -21.72
C GLN A 295 5.96 7.00 -22.44
N LEU A 296 6.04 5.72 -22.11
CA LEU A 296 6.85 4.73 -22.84
C LEU A 296 6.37 4.68 -24.29
N LYS A 297 7.30 4.58 -25.21
CA LYS A 297 7.04 4.38 -26.66
C LYS A 297 7.86 3.18 -27.13
N GLU A 298 7.77 2.86 -28.41
CA GLU A 298 8.70 1.93 -29.09
C GLU A 298 10.01 2.69 -29.31
N GLU A 299 11.12 2.15 -28.80
CA GLU A 299 12.46 2.73 -29.03
C GLU A 299 13.38 1.64 -29.57
N THR A 300 14.36 2.06 -30.34
CA THR A 300 15.41 1.19 -30.92
C THR A 300 16.66 1.33 -30.04
N GLN A 301 17.26 0.20 -29.67
CA GLN A 301 18.54 0.14 -28.92
C GLN A 301 19.59 -0.51 -29.81
N GLU A 302 20.83 -0.03 -29.71
CA GLU A 302 22.01 -0.64 -30.38
C GLU A 302 22.74 -1.50 -29.35
N HIS A 303 23.12 -2.71 -29.76
CA HIS A 303 23.79 -3.74 -28.93
C HIS A 303 25.07 -4.21 -29.62
N HIS A 304 26.10 -4.54 -28.84
CA HIS A 304 27.33 -5.23 -29.32
C HIS A 304 27.61 -6.44 -28.41
N VAL A 305 28.17 -7.48 -28.99
CA VAL A 305 28.70 -8.69 -28.30
C VAL A 305 30.05 -9.01 -28.94
N THR A 306 31.08 -9.19 -28.13
CA THR A 306 32.42 -9.64 -28.58
C THR A 306 32.66 -11.01 -27.96
N ASN A 307 33.41 -11.86 -28.62
CA ASN A 307 33.70 -13.24 -28.15
C ASN A 307 35.03 -13.20 -27.40
N PRO A 308 35.05 -13.37 -26.06
CA PRO A 308 36.31 -13.30 -25.30
C PRO A 308 37.12 -14.60 -25.37
N PHE A 309 36.57 -15.67 -25.98
CA PHE A 309 37.14 -17.03 -25.96
C PHE A 309 37.94 -17.31 -27.23
N LEU A 310 38.78 -18.32 -27.15
CA LEU A 310 39.55 -18.89 -28.28
C LEU A 310 38.71 -19.96 -28.97
N GLU A 311 37.40 -20.00 -28.72
CA GLU A 311 36.48 -20.95 -29.39
C GLU A 311 35.18 -20.21 -29.78
N ARG A 312 34.32 -20.89 -30.53
CA ARG A 312 32.99 -20.35 -30.91
C ARG A 312 32.18 -20.09 -29.63
N MET A 313 31.40 -19.01 -29.61
CA MET A 313 30.52 -18.65 -28.46
C MET A 313 29.09 -18.46 -28.97
N ALA A 314 28.19 -19.31 -28.52
CA ALA A 314 26.72 -19.16 -28.70
C ALA A 314 26.24 -18.01 -27.83
N TYR A 315 25.33 -17.21 -28.36
CA TYR A 315 24.78 -16.01 -27.69
C TYR A 315 23.29 -15.93 -27.99
N SER A 316 22.48 -15.85 -26.95
CA SER A 316 21.05 -15.48 -27.03
C SER A 316 20.78 -14.31 -26.13
N ARG A 317 19.82 -13.47 -26.50
CA ARG A 317 19.35 -12.34 -25.66
C ARG A 317 17.86 -12.46 -25.48
N TYR A 318 17.41 -12.35 -24.23
CA TYR A 318 16.02 -12.50 -23.80
C TYR A 318 15.60 -11.18 -23.15
N ILE A 319 14.37 -10.78 -23.41
CA ILE A 319 13.74 -9.58 -22.80
C ILE A 319 12.44 -10.00 -22.12
N LEU A 320 12.14 -9.33 -21.01
CA LEU A 320 10.93 -9.60 -20.22
C LEU A 320 9.72 -8.95 -20.90
N VAL A 321 8.73 -9.76 -21.23
CA VAL A 321 7.43 -9.31 -21.79
C VAL A 321 6.39 -9.30 -20.66
N THR A 322 5.63 -8.21 -20.56
CA THR A 322 4.52 -8.06 -19.59
C THR A 322 3.25 -7.74 -20.34
N GLU A 323 2.21 -8.55 -20.12
CA GLU A 323 0.88 -8.36 -20.69
C GLU A 323 -0.08 -8.12 -19.54
N TYR A 324 -0.85 -7.04 -19.60
CA TYR A 324 -1.91 -6.70 -18.65
C TYR A 324 -3.23 -6.86 -19.37
N TYR A 325 -4.23 -7.43 -18.67
CA TYR A 325 -5.63 -7.39 -19.13
C TYR A 325 -6.58 -7.32 -17.93
N VAL A 326 -7.82 -6.95 -18.23
CA VAL A 326 -8.93 -6.80 -17.27
C VAL A 326 -9.95 -7.89 -17.55
N GLN A 327 -10.23 -8.70 -16.54
CA GLN A 327 -11.12 -9.87 -16.62
C GLN A 327 -12.40 -9.52 -15.86
N ARG A 328 -13.52 -9.83 -16.47
CA ARG A 328 -14.86 -9.72 -15.88
C ARG A 328 -15.11 -10.90 -14.96
N LYS A 329 -16.08 -10.77 -14.06
CA LYS A 329 -16.65 -11.87 -13.25
C LYS A 329 -16.86 -13.11 -14.14
N ASN A 330 -17.44 -12.95 -15.31
CA ASN A 330 -17.84 -14.11 -16.17
C ASN A 330 -16.63 -14.65 -16.97
N GLY A 331 -15.42 -14.14 -16.78
CA GLY A 331 -14.18 -14.70 -17.37
C GLY A 331 -13.82 -14.04 -18.71
N THR A 332 -14.66 -13.14 -19.24
CA THR A 332 -14.37 -12.45 -20.53
C THR A 332 -13.41 -11.29 -20.26
N ILE A 333 -12.81 -10.75 -21.32
CA ILE A 333 -11.82 -9.66 -21.24
C ILE A 333 -12.48 -8.34 -21.67
N VAL A 334 -12.26 -7.28 -20.90
CA VAL A 334 -12.68 -5.88 -21.24
C VAL A 334 -11.72 -5.31 -22.28
N ASN A 335 -12.23 -4.87 -23.42
CA ASN A 335 -11.40 -4.34 -24.54
C ASN A 335 -10.39 -5.42 -24.95
N ALA A 336 -9.11 -5.22 -24.72
CA ALA A 336 -8.04 -6.15 -25.11
C ALA A 336 -6.87 -5.98 -24.16
N PRO A 337 -5.91 -6.93 -24.14
CA PRO A 337 -4.70 -6.78 -23.38
C PRO A 337 -3.84 -5.63 -23.92
N TRP A 338 -2.94 -5.13 -23.10
CA TRP A 338 -1.81 -4.28 -23.52
C TRP A 338 -0.50 -4.93 -23.10
N THR A 339 0.51 -4.88 -23.98
CA THR A 339 1.73 -5.70 -23.88
C THR A 339 2.94 -4.78 -24.01
N MET A 340 3.93 -4.94 -23.15
CA MET A 340 5.18 -4.14 -23.21
C MET A 340 6.40 -5.06 -23.14
N THR A 341 7.51 -4.63 -23.72
CA THR A 341 8.84 -5.21 -23.44
C THR A 341 9.64 -4.19 -22.66
N ASP A 342 10.40 -4.67 -21.68
CA ASP A 342 11.16 -3.81 -20.75
C ASP A 342 12.66 -3.91 -21.10
N LYS A 343 13.20 -2.88 -21.74
CA LYS A 343 14.63 -2.82 -22.13
C LYS A 343 15.54 -2.89 -20.90
N THR A 344 15.05 -2.60 -19.69
CA THR A 344 15.87 -2.58 -18.45
C THR A 344 15.88 -3.97 -17.82
N ASN A 345 15.10 -4.92 -18.37
CA ASN A 345 15.05 -6.32 -17.91
C ASN A 345 15.31 -7.24 -19.08
N ALA A 346 16.54 -7.21 -19.59
CA ALA A 346 17.02 -8.08 -20.68
C ALA A 346 18.24 -8.83 -20.16
N HIS A 347 18.44 -10.08 -20.61
CA HIS A 347 19.57 -10.93 -20.17
C HIS A 347 20.20 -11.61 -21.40
N ALA A 348 21.52 -11.56 -21.49
CA ALA A 348 22.35 -12.30 -22.47
C ALA A 348 22.74 -13.63 -21.84
N VAL A 349 22.61 -14.74 -22.56
CA VAL A 349 23.10 -16.09 -22.12
C VAL A 349 24.04 -16.62 -23.21
N THR A 350 25.17 -17.16 -22.82
CA THR A 350 26.25 -17.59 -23.74
C THR A 350 26.64 -19.05 -23.44
N PHE A 351 27.27 -19.68 -24.41
CA PHE A 351 28.05 -20.91 -24.22
C PHE A 351 29.34 -20.81 -25.02
N PRO A 352 30.52 -20.90 -24.37
CA PRO A 352 30.64 -21.04 -22.92
C PRO A 352 30.01 -19.91 -22.10
N LYS A 353 29.69 -20.19 -20.83
CA LYS A 353 28.95 -19.26 -19.93
C LYS A 353 29.88 -18.12 -19.50
N SER A 354 29.34 -16.88 -19.43
CA SER A 354 30.11 -15.61 -19.25
C SER A 354 29.92 -15.10 -17.81
N MET B 5 -9.24 -16.77 1.91
CA MET B 5 -8.42 -16.35 3.10
C MET B 5 -7.57 -15.13 2.74
N THR B 6 -7.55 -14.12 3.63
CA THR B 6 -6.62 -12.95 3.61
C THR B 6 -5.72 -13.05 4.84
N PHE B 7 -4.40 -12.83 4.70
CA PHE B 7 -3.48 -12.98 5.85
C PHE B 7 -3.66 -11.80 6.81
N LYS B 8 -3.76 -12.10 8.09
CA LYS B 8 -4.14 -11.13 9.13
C LYS B 8 -2.93 -10.79 9.97
N VAL B 9 -2.71 -9.52 10.19
CA VAL B 9 -1.70 -9.02 11.14
C VAL B 9 -2.12 -9.49 12.54
N GLY B 10 -1.20 -10.08 13.28
CA GLY B 10 -1.45 -10.54 14.66
C GLY B 10 -1.99 -11.97 14.73
N MET B 11 -2.26 -12.61 13.59
CA MET B 11 -2.74 -14.01 13.53
C MET B 11 -1.51 -14.94 13.49
N LYS B 12 -1.47 -15.93 14.38
CA LYS B 12 -0.43 -16.99 14.34
C LYS B 12 -0.81 -18.01 13.28
N TYR B 13 0.14 -18.38 12.45
CA TYR B 13 -0.06 -19.33 11.34
C TYR B 13 0.86 -20.52 11.51
N MET B 14 0.41 -21.67 11.01
CA MET B 14 1.22 -22.89 10.86
C MET B 14 1.14 -23.32 9.41
N PHE B 15 2.16 -24.00 8.92
CA PHE B 15 2.36 -24.30 7.48
C PHE B 15 2.49 -25.81 7.34
N LYS B 16 1.43 -26.45 6.87
CA LYS B 16 1.34 -27.93 6.81
C LYS B 16 1.67 -28.39 5.39
N ASN B 17 2.74 -29.15 5.24
CA ASN B 17 3.18 -29.68 3.93
C ASN B 17 2.13 -30.67 3.40
N LYS B 18 1.74 -30.51 2.15
CA LYS B 18 0.69 -31.32 1.52
C LYS B 18 1.17 -32.78 1.47
N ASN B 19 2.43 -33.01 1.13
CA ASN B 19 2.99 -34.37 0.95
C ASN B 19 3.16 -35.05 2.32
N SER B 20 3.85 -34.40 3.27
CA SER B 20 4.29 -35.03 4.56
C SER B 20 3.20 -34.89 5.62
N ARG B 21 2.34 -33.87 5.52
CA ARG B 21 1.37 -33.49 6.58
C ARG B 21 2.14 -33.06 7.83
N LYS B 22 3.38 -32.62 7.68
CA LYS B 22 4.18 -32.07 8.81
C LYS B 22 4.39 -30.57 8.59
N TYR B 23 4.84 -29.88 9.63
CA TYR B 23 4.79 -28.41 9.75
C TYR B 23 6.18 -27.80 9.67
N LEU B 24 6.26 -26.65 9.05
CA LEU B 24 7.45 -25.77 9.15
C LEU B 24 7.77 -25.54 10.62
N ASP B 25 9.05 -25.70 10.98
CA ASP B 25 9.53 -25.74 12.38
C ASP B 25 10.98 -25.31 12.41
N ILE B 26 11.43 -24.77 13.53
CA ILE B 26 12.85 -24.42 13.76
C ILE B 26 13.51 -25.59 14.52
N SER B 27 14.52 -26.18 13.92
CA SER B 27 15.38 -27.22 14.53
C SER B 27 15.78 -26.82 15.94
N GLY B 28 15.57 -27.70 16.92
CA GLY B 28 15.99 -27.56 18.33
C GLY B 28 15.32 -26.40 19.05
N ASN B 29 14.20 -25.88 18.52
CA ASN B 29 13.52 -24.66 19.04
C ASN B 29 14.52 -23.50 19.16
N GLN B 30 15.49 -23.41 18.27
CA GLN B 30 16.60 -22.44 18.42
C GLN B 30 16.10 -21.00 18.17
N THR B 31 16.77 -20.03 18.77
CA THR B 31 16.40 -18.60 18.67
C THR B 31 17.47 -17.83 17.89
N GLY B 32 18.60 -18.45 17.57
CA GLY B 32 19.73 -17.76 16.91
C GLY B 32 19.60 -17.62 15.38
N ASN B 33 20.38 -16.70 14.83
CA ASN B 33 20.61 -16.57 13.36
C ASN B 33 21.13 -17.89 12.80
N ASN B 34 20.65 -18.29 11.63
CA ASN B 34 21.13 -19.45 10.83
C ASN B 34 20.56 -20.77 11.35
N ALA B 35 19.70 -20.77 12.39
CA ALA B 35 19.05 -22.01 12.86
C ALA B 35 18.22 -22.62 11.71
N ASN B 36 18.25 -23.93 11.60
CA ASN B 36 17.67 -24.63 10.45
C ASN B 36 16.14 -24.59 10.50
N VAL B 37 15.51 -24.43 9.34
CA VAL B 37 14.07 -24.66 9.14
C VAL B 37 13.90 -26.10 8.66
N GLN B 38 13.09 -26.87 9.36
CA GLN B 38 12.83 -28.30 9.07
C GLN B 38 11.32 -28.50 9.07
N GLN B 39 10.86 -29.73 8.86
CA GLN B 39 9.45 -30.09 9.12
C GLN B 39 9.39 -30.93 10.39
N TYR B 40 8.28 -30.84 11.09
CA TYR B 40 8.03 -31.59 12.34
C TYR B 40 6.54 -31.80 12.50
N GLU B 41 6.15 -32.93 13.07
CA GLU B 41 4.74 -33.25 13.34
C GLU B 41 4.09 -32.11 14.15
N TYR B 42 2.78 -31.97 14.03
CA TYR B 42 1.97 -31.05 14.85
C TYR B 42 2.31 -31.29 16.33
N LEU B 43 2.64 -30.22 17.03
CA LEU B 43 2.71 -30.16 18.51
C LEU B 43 1.71 -29.11 19.00
N ALA B 44 0.99 -29.41 20.06
CA ALA B 44 -0.08 -28.54 20.59
C ALA B 44 0.55 -27.28 21.18
N ASP B 45 1.71 -27.41 21.79
CA ASP B 45 2.34 -26.30 22.53
C ASP B 45 3.80 -26.25 22.08
N ALA B 46 4.06 -25.45 21.06
CA ALA B 46 5.34 -25.41 20.34
C ALA B 46 5.35 -24.12 19.54
N PRO B 47 5.77 -23.00 20.15
CA PRO B 47 5.90 -21.75 19.41
C PRO B 47 6.88 -21.83 18.22
N SER B 48 7.78 -22.83 18.20
CA SER B 48 8.72 -23.06 17.06
C SER B 48 7.98 -23.36 15.76
N GLU B 49 6.73 -23.87 15.84
CA GLU B 49 5.90 -24.24 14.67
C GLU B 49 4.97 -23.09 14.28
N ARG B 50 4.94 -21.99 15.04
CA ARG B 50 3.98 -20.87 14.76
C ARG B 50 4.74 -19.68 14.17
N PHE B 51 4.10 -18.96 13.24
CA PHE B 51 4.68 -17.78 12.56
C PHE B 51 3.61 -16.70 12.45
N PHE B 52 4.02 -15.45 12.59
CA PHE B 52 3.23 -14.30 12.11
C PHE B 52 3.54 -14.12 10.63
N LEU B 53 2.57 -13.67 9.87
CA LEU B 53 2.78 -13.19 8.49
C LEU B 53 2.61 -11.68 8.49
N HIS B 54 3.64 -10.95 8.12
CA HIS B 54 3.54 -9.48 8.00
C HIS B 54 3.67 -9.10 6.54
N PRO B 55 2.67 -8.37 6.00
CA PRO B 55 2.74 -7.88 4.62
C PRO B 55 3.92 -6.93 4.42
N LEU B 56 4.56 -7.04 3.25
CA LEU B 56 5.72 -6.22 2.81
C LEU B 56 5.40 -5.54 1.49
N ASP B 57 6.26 -4.61 1.09
CA ASP B 57 6.23 -3.95 -0.22
C ASP B 57 6.06 -4.99 -1.32
N ASN B 58 5.24 -4.70 -2.31
CA ASN B 58 5.08 -5.52 -3.55
C ASN B 58 4.43 -6.87 -3.20
N ASN B 59 3.66 -6.91 -2.12
CA ASN B 59 2.71 -8.00 -1.84
C ASN B 59 3.48 -9.26 -1.46
N TYR B 60 4.67 -9.08 -0.88
CA TYR B 60 5.43 -10.16 -0.22
C TYR B 60 5.01 -10.21 1.25
N TYR B 61 5.45 -11.24 1.94
CA TYR B 61 5.28 -11.42 3.40
C TYR B 61 6.61 -11.79 4.04
N ALA B 62 6.80 -11.29 5.27
CA ALA B 62 7.80 -11.80 6.24
C ALA B 62 7.15 -12.93 7.02
N MET B 63 7.87 -14.04 7.15
CA MET B 63 7.40 -15.21 7.94
C MET B 63 8.19 -15.23 9.24
N ILE B 64 7.56 -14.78 10.31
CA ILE B 64 8.22 -14.42 11.59
C ILE B 64 7.92 -15.52 12.61
N ASN B 65 8.94 -16.23 13.06
CA ASN B 65 8.80 -17.38 13.99
C ASN B 65 8.40 -16.87 15.37
N LEU B 66 7.37 -17.45 15.98
CA LEU B 66 6.87 -16.94 17.29
C LEU B 66 7.86 -17.19 18.40
N ASN B 67 8.64 -18.27 18.30
CA ASN B 67 9.59 -18.65 19.34
C ASN B 67 10.84 -17.76 19.26
N SER B 68 11.39 -17.57 18.08
CA SER B 68 12.72 -16.91 17.90
C SER B 68 12.55 -15.39 17.66
N GLY B 69 11.45 -14.95 17.01
CA GLY B 69 11.28 -13.57 16.51
C GLY B 69 12.14 -13.30 15.28
N LYS B 70 12.77 -14.34 14.74
CA LYS B 70 13.57 -14.27 13.50
C LYS B 70 12.72 -14.81 12.34
N VAL B 71 13.16 -14.59 11.10
CA VAL B 71 12.29 -14.78 9.92
C VAL B 71 12.88 -15.82 9.00
N ILE B 72 12.03 -16.41 8.17
CA ILE B 72 12.44 -17.41 7.18
C ILE B 72 13.30 -16.73 6.12
N ASP B 73 14.40 -17.38 5.79
CA ASP B 73 15.53 -16.82 5.04
C ASP B 73 16.17 -17.95 4.21
N ILE B 74 16.98 -17.60 3.22
CA ILE B 74 17.81 -18.57 2.44
C ILE B 74 19.25 -18.50 2.94
N SER B 75 19.80 -19.64 3.38
CA SER B 75 21.23 -19.76 3.77
C SER B 75 22.12 -19.27 2.61
N GLY B 76 22.99 -18.30 2.91
CA GLY B 76 24.00 -17.76 2.00
C GLY B 76 23.38 -17.01 0.83
N ASN B 77 22.12 -16.62 0.91
CA ASN B 77 21.49 -15.74 -0.11
C ASN B 77 21.48 -16.48 -1.47
N GLN B 78 21.44 -17.82 -1.46
CA GLN B 78 21.65 -18.65 -2.67
C GLN B 78 20.39 -18.61 -3.56
N THR B 79 20.58 -18.77 -4.87
CA THR B 79 19.48 -18.78 -5.87
C THR B 79 19.28 -20.20 -6.43
N SER B 80 20.09 -21.17 -5.99
CA SER B 80 20.16 -22.53 -6.58
C SER B 80 19.10 -23.46 -5.99
N ASN B 81 18.70 -24.45 -6.79
CA ASN B 81 17.95 -25.64 -6.31
C ASN B 81 18.65 -26.22 -5.09
N ASN B 82 17.86 -26.63 -4.10
CA ASN B 82 18.29 -27.39 -2.90
C ASN B 82 18.98 -26.47 -1.89
N ALA B 83 19.02 -25.17 -2.12
CA ALA B 83 19.62 -24.22 -1.16
C ALA B 83 18.81 -24.31 0.15
N ASN B 84 19.48 -24.21 1.27
CA ASN B 84 18.87 -24.39 2.60
C ASN B 84 17.95 -23.22 2.96
N ILE B 85 16.87 -23.51 3.68
CA ILE B 85 15.98 -22.51 4.34
C ILE B 85 16.29 -22.53 5.84
N GLN B 86 16.49 -21.33 6.41
CA GLN B 86 16.95 -21.12 7.79
C GLN B 86 16.10 -19.99 8.36
N GLN B 87 16.36 -19.59 9.59
CA GLN B 87 15.87 -18.31 10.14
C GLN B 87 17.03 -17.35 10.25
N TYR B 88 16.72 -16.06 10.19
CA TYR B 88 17.70 -14.98 10.35
C TYR B 88 16.96 -13.73 10.80
N GLU B 89 17.64 -12.83 11.48
CA GLU B 89 17.02 -11.57 11.91
C GLU B 89 16.50 -10.84 10.69
N TRP B 90 15.35 -10.18 10.83
CA TRP B 90 14.80 -9.30 9.80
C TRP B 90 15.81 -8.18 9.52
N LEU B 91 16.28 -8.05 8.28
CA LEU B 91 17.29 -7.03 7.91
C LEU B 91 16.63 -5.89 7.12
N GLY B 92 15.47 -6.14 6.49
CA GLY B 92 14.83 -5.18 5.57
C GLY B 92 15.38 -5.27 4.16
N ASP B 93 16.68 -5.16 3.97
CA ASP B 93 17.28 -5.03 2.62
C ASP B 93 17.77 -6.42 2.16
N ALA B 94 17.20 -7.50 2.69
CA ALA B 94 17.56 -8.89 2.37
C ALA B 94 16.43 -9.53 1.57
N PRO B 95 16.48 -9.53 0.24
CA PRO B 95 15.36 -10.10 -0.54
C PRO B 95 15.06 -11.58 -0.24
N SER B 96 16.02 -12.29 0.36
CA SER B 96 15.89 -13.73 0.71
C SER B 96 14.93 -13.90 1.90
N GLU B 97 14.48 -12.78 2.51
CA GLU B 97 13.53 -12.80 3.65
C GLU B 97 12.11 -12.42 3.19
N TYR B 98 11.90 -12.27 1.89
CA TYR B 98 10.61 -11.88 1.28
C TYR B 98 9.99 -13.08 0.56
N TRP B 99 8.74 -13.39 0.89
CA TRP B 99 8.03 -14.62 0.42
C TRP B 99 6.69 -14.24 -0.22
N TYR B 100 6.42 -14.81 -1.38
CA TYR B 100 5.23 -14.54 -2.21
C TYR B 100 4.35 -15.78 -2.19
N PHE B 101 3.08 -15.62 -1.85
CA PHE B 101 2.14 -16.73 -1.58
C PHE B 101 1.26 -16.93 -2.80
N HIS B 102 1.50 -18.01 -3.54
CA HIS B 102 0.66 -18.43 -4.69
C HIS B 102 -0.41 -19.41 -4.20
N ARG B 103 -1.69 -19.06 -4.33
CA ARG B 103 -2.82 -19.95 -3.93
C ARG B 103 -3.13 -20.86 -5.09
N GLU B 104 -3.28 -22.16 -4.84
CA GLU B 104 -3.75 -23.12 -5.86
C GLU B 104 -5.25 -23.39 -5.64
N ALA B 105 -5.87 -24.06 -6.61
CA ALA B 105 -7.32 -24.35 -6.70
C ALA B 105 -7.81 -25.02 -5.42
N ASP B 106 -6.99 -25.90 -4.82
CA ASP B 106 -7.42 -26.74 -3.68
C ASP B 106 -7.14 -25.99 -2.36
N GLY B 107 -6.60 -24.77 -2.40
CA GLY B 107 -6.38 -23.93 -1.20
C GLY B 107 -5.00 -24.12 -0.60
N HIS B 108 -4.17 -25.01 -1.13
CA HIS B 108 -2.73 -25.06 -0.77
C HIS B 108 -2.03 -23.83 -1.35
N TYR B 109 -0.91 -23.45 -0.76
CA TYR B 109 -0.04 -22.38 -1.26
C TYR B 109 1.30 -22.95 -1.71
N VAL B 110 1.85 -22.34 -2.73
CA VAL B 110 3.27 -22.44 -3.10
C VAL B 110 3.95 -21.13 -2.68
N ILE B 111 5.08 -21.20 -2.01
CA ILE B 111 5.71 -20.04 -1.32
C ILE B 111 7.05 -19.73 -1.98
N GLU B 112 7.09 -18.63 -2.76
CA GLU B 112 8.18 -18.26 -3.71
C GLU B 112 9.11 -17.21 -3.07
N SER B 113 10.41 -17.42 -3.17
CA SER B 113 11.42 -16.43 -2.74
C SER B 113 11.42 -15.24 -3.69
N LYS B 114 11.32 -14.03 -3.15
CA LYS B 114 11.57 -12.82 -3.97
C LYS B 114 12.95 -12.93 -4.62
N HIS B 115 13.97 -13.35 -3.86
CA HIS B 115 15.39 -13.35 -4.29
C HIS B 115 15.60 -14.39 -5.39
N SER B 116 15.26 -15.64 -5.13
CA SER B 116 15.65 -16.80 -5.98
C SER B 116 14.61 -17.13 -7.06
N GLY B 117 13.33 -16.86 -6.84
CA GLY B 117 12.26 -17.33 -7.74
C GLY B 117 11.94 -18.81 -7.53
N LYS B 118 12.59 -19.46 -6.56
CA LYS B 118 12.34 -20.86 -6.19
C LYS B 118 11.38 -20.88 -5.01
N VAL B 119 10.85 -22.04 -4.69
CA VAL B 119 9.75 -22.18 -3.71
C VAL B 119 10.18 -23.10 -2.57
N LEU B 120 9.59 -22.90 -1.40
CA LEU B 120 9.79 -23.76 -0.23
C LEU B 120 9.44 -25.21 -0.60
N ASP B 121 10.21 -26.14 -0.07
CA ASP B 121 10.19 -27.55 -0.51
C ASP B 121 10.74 -28.41 0.62
N ILE B 122 10.34 -29.68 0.67
CA ILE B 122 10.94 -30.70 1.57
C ILE B 122 11.94 -31.53 0.79
N GLU B 123 13.19 -31.51 1.22
CA GLU B 123 14.30 -32.28 0.62
C GLU B 123 13.84 -33.75 0.43
N GLY B 124 13.98 -34.28 -0.79
CA GLY B 124 13.75 -35.70 -1.13
C GLY B 124 12.28 -36.11 -1.01
N ASN B 125 11.34 -35.17 -1.01
CA ASN B 125 9.89 -35.47 -0.79
C ASN B 125 9.71 -36.25 0.52
N GLN B 126 10.55 -36.00 1.51
CA GLN B 126 10.60 -36.82 2.75
C GLN B 126 9.38 -36.52 3.60
N THR B 127 8.95 -37.54 4.35
CA THR B 127 7.69 -37.55 5.13
C THR B 127 7.99 -37.52 6.65
N GLY B 128 9.25 -37.68 7.05
CA GLY B 128 9.61 -37.89 8.46
C GLY B 128 9.89 -36.59 9.18
N ASN B 129 9.85 -36.62 10.50
CA ASN B 129 10.28 -35.51 11.36
C ASN B 129 11.71 -35.11 11.03
N ASN B 130 12.01 -33.82 11.07
CA ASN B 130 13.38 -33.27 10.96
C ASN B 130 13.88 -33.29 9.50
N ALA B 131 13.05 -33.69 8.53
CA ALA B 131 13.40 -33.55 7.10
C ALA B 131 13.63 -32.06 6.81
N ASN B 132 14.68 -31.79 6.04
CA ASN B 132 15.17 -30.43 5.77
C ASN B 132 14.19 -29.67 4.88
N VAL B 133 13.96 -28.40 5.19
CA VAL B 133 13.25 -27.48 4.28
C VAL B 133 14.28 -26.75 3.43
N GLN B 134 14.07 -26.74 2.12
CA GLN B 134 14.98 -26.17 1.10
C GLN B 134 14.13 -25.33 0.15
N GLN B 135 14.75 -24.76 -0.87
CA GLN B 135 14.02 -24.19 -2.03
C GLN B 135 14.29 -25.08 -3.24
N TYR B 136 13.32 -25.13 -4.14
CA TYR B 136 13.41 -25.84 -5.43
C TYR B 136 12.63 -25.06 -6.48
N GLU B 137 13.04 -25.18 -7.73
CA GLU B 137 12.30 -24.59 -8.86
C GLU B 137 10.84 -25.06 -8.74
N TYR B 138 9.92 -24.19 -9.13
CA TYR B 138 8.48 -24.45 -9.16
C TYR B 138 8.18 -25.64 -10.11
N LEU B 139 7.40 -26.61 -9.63
CA LEU B 139 6.91 -27.77 -10.43
C LEU B 139 5.38 -27.85 -10.31
N ALA B 140 4.71 -28.07 -11.43
CA ALA B 140 3.23 -28.21 -11.56
C ALA B 140 2.75 -29.36 -10.67
N ASP B 141 3.51 -30.44 -10.60
CA ASP B 141 3.17 -31.63 -9.82
C ASP B 141 4.31 -31.93 -8.84
N ALA B 142 4.23 -31.38 -7.63
CA ALA B 142 5.22 -31.56 -6.55
C ALA B 142 4.57 -31.23 -5.22
N PRO B 143 3.90 -32.22 -4.58
CA PRO B 143 3.19 -32.00 -3.32
C PRO B 143 4.11 -31.49 -2.21
N SER B 144 5.42 -31.70 -2.34
CA SER B 144 6.42 -31.27 -1.35
C SER B 144 6.58 -29.76 -1.38
N GLU B 145 6.16 -29.10 -2.45
CA GLU B 145 6.21 -27.60 -2.60
C GLU B 145 4.90 -26.93 -2.14
N ARG B 146 3.91 -27.71 -1.67
CA ARG B 146 2.57 -27.19 -1.30
C ARG B 146 2.42 -27.20 0.22
N PHE B 147 1.91 -26.10 0.76
CA PHE B 147 1.67 -25.88 2.20
C PHE B 147 0.26 -25.36 2.39
N ALA B 148 -0.47 -25.96 3.33
CA ALA B 148 -1.73 -25.44 3.89
C ALA B 148 -1.39 -24.38 4.94
N VAL B 149 -1.95 -23.19 4.82
CA VAL B 149 -1.77 -22.09 5.80
C VAL B 149 -2.92 -22.18 6.79
N GLU B 150 -2.64 -22.59 8.03
CA GLU B 150 -3.65 -22.81 9.08
C GLU B 150 -3.55 -21.71 10.16
N GLU B 151 -4.67 -21.11 10.52
CA GLU B 151 -4.77 -20.18 11.69
C GLU B 151 -4.54 -20.97 12.97
N ALA B 152 -3.73 -20.45 13.88
CA ALA B 152 -3.37 -21.10 15.15
C ALA B 152 -3.58 -20.12 16.31
N GLY B 153 -4.52 -19.20 16.16
CA GLY B 153 -4.92 -18.26 17.22
C GLY B 153 -4.24 -16.92 17.05
N SER B 154 -4.78 -15.85 17.57
CA SER B 154 -4.26 -14.49 17.32
C SER B 154 -3.76 -13.85 18.62
N VAL B 155 -3.09 -12.71 18.48
N VAL B 155 -3.00 -12.77 18.48
CA VAL B 155 -2.49 -11.89 19.56
CA VAL B 155 -2.60 -11.90 19.63
C VAL B 155 -3.21 -10.53 19.52
C VAL B 155 -3.41 -10.60 19.54
N SER B 156 -3.59 -9.95 20.67
CA SER B 156 -4.23 -8.62 20.78
C SER B 156 -3.26 -7.57 20.26
N LEU B 157 -3.76 -6.59 19.52
CA LEU B 157 -2.94 -5.55 18.87
C LEU B 157 -3.15 -4.22 19.60
N PRO B 158 -2.13 -3.34 19.63
CA PRO B 158 -2.30 -2.02 20.21
C PRO B 158 -3.26 -1.20 19.36
N SER B 159 -3.85 -0.18 19.95
CA SER B 159 -4.85 0.68 19.28
C SER B 159 -4.76 2.08 19.84
N ILE B 160 -5.16 3.07 19.03
CA ILE B 160 -5.33 4.46 19.51
C ILE B 160 -6.41 5.11 18.66
N ASN B 161 -7.10 6.10 19.21
CA ASN B 161 -8.16 6.84 18.51
C ASN B 161 -7.53 8.00 17.76
N THR B 162 -7.94 8.18 16.51
CA THR B 162 -7.50 9.27 15.63
C THR B 162 -8.61 10.30 15.52
N GLN B 163 -8.30 11.49 15.07
CA GLN B 163 -9.33 12.52 14.83
C GLN B 163 -8.83 13.50 13.80
N PRO B 164 -9.72 14.30 13.19
CA PRO B 164 -9.29 15.30 12.21
C PRO B 164 -8.27 16.28 12.79
N LEU B 165 -7.36 16.75 11.97
CA LEU B 165 -6.42 17.84 12.34
C LEU B 165 -7.26 19.09 12.65
N SER B 166 -6.89 19.83 13.69
CA SER B 166 -7.44 21.18 13.98
C SER B 166 -7.32 22.03 12.71
N PRO B 167 -8.26 22.95 12.46
CA PRO B 167 -8.05 23.97 11.44
C PRO B 167 -6.99 24.98 11.90
N VAL B 168 -6.35 25.67 10.96
CA VAL B 168 -5.42 26.79 11.26
C VAL B 168 -6.27 27.83 11.96
N PRO B 169 -5.88 28.32 13.16
CA PRO B 169 -6.62 29.40 13.81
C PRO B 169 -6.78 30.61 12.88
N GLN B 170 -7.94 31.28 12.94
CA GLN B 170 -8.25 32.49 12.13
C GLN B 170 -8.59 33.65 13.05
N TYR B 171 -8.37 34.87 12.57
CA TYR B 171 -8.77 36.10 13.26
C TYR B 171 -10.29 36.25 13.15
N GLU B 172 -10.93 36.60 14.24
CA GLU B 172 -12.34 37.06 14.30
C GLU B 172 -12.38 38.60 14.35
N THR B 173 -11.35 39.23 14.94
CA THR B 173 -11.10 40.68 14.92
C THR B 173 -9.60 40.96 14.66
N ILE B 174 -9.30 42.18 14.26
CA ILE B 174 -7.90 42.68 14.08
C ILE B 174 -7.11 42.61 15.41
N ASN B 175 -7.80 42.52 16.57
CA ASN B 175 -7.17 42.59 17.92
C ASN B 175 -6.81 41.21 18.47
N ASP B 176 -7.31 40.12 17.90
CA ASP B 176 -7.29 38.78 18.54
C ASP B 176 -5.84 38.40 18.84
N GLN B 177 -5.62 37.71 19.96
CA GLN B 177 -4.36 36.96 20.23
C GLN B 177 -4.59 35.49 19.94
N LEU B 178 -4.19 35.03 18.76
CA LEU B 178 -4.40 33.64 18.30
C LEU B 178 -3.52 32.71 19.13
N PRO B 179 -3.93 31.45 19.41
CA PRO B 179 -3.17 30.58 20.30
C PRO B 179 -1.78 30.22 19.76
N GLU B 180 -0.84 29.96 20.68
CA GLU B 180 0.55 29.52 20.38
C GLU B 180 0.49 28.22 19.58
N GLU B 181 -0.42 27.34 19.96
CA GLU B 181 -0.58 25.98 19.42
C GLU B 181 -2.06 25.62 19.43
N THR B 182 -2.49 24.83 18.44
CA THR B 182 -3.78 24.12 18.47
C THR B 182 -3.61 22.88 19.34
N GLU B 183 -4.73 22.23 19.68
CA GLU B 183 -4.75 20.91 20.34
C GLU B 183 -3.90 19.94 19.50
N ARG B 184 -3.09 19.14 20.16
CA ARG B 184 -2.27 18.06 19.54
C ARG B 184 -3.15 16.81 19.37
N VAL B 185 -3.36 16.35 18.15
CA VAL B 185 -4.29 15.22 17.86
C VAL B 185 -3.54 14.15 17.09
N VAL B 186 -3.89 12.89 17.31
CA VAL B 186 -3.42 11.75 16.52
C VAL B 186 -4.23 11.71 15.22
N THR B 187 -3.58 11.93 14.09
CA THR B 187 -4.22 11.93 12.76
C THR B 187 -3.98 10.59 12.05
N ALA B 188 -3.06 9.75 12.53
CA ALA B 188 -2.78 8.43 11.90
C ALA B 188 -1.94 7.57 12.85
N PHE B 189 -2.04 6.26 12.71
CA PHE B 189 -1.13 5.30 13.35
C PHE B 189 -1.01 4.07 12.45
N THR B 190 0.02 3.26 12.69
CA THR B 190 0.21 1.98 11.99
C THR B 190 0.73 0.96 12.99
N ILE B 191 0.34 -0.29 12.84
CA ILE B 191 0.76 -1.43 13.72
C ILE B 191 1.88 -2.16 13.04
N VAL B 192 3.04 -2.22 13.67
CA VAL B 192 4.26 -2.81 13.10
C VAL B 192 4.67 -3.98 13.98
N PRO B 193 5.19 -5.07 13.37
CA PRO B 193 5.75 -6.17 14.14
C PRO B 193 7.05 -5.78 14.87
N ALA B 194 7.43 -6.59 15.86
CA ALA B 194 8.69 -6.46 16.61
C ALA B 194 9.89 -6.34 15.64
N ILE B 195 9.84 -6.98 14.48
CA ILE B 195 11.01 -6.97 13.55
C ILE B 195 11.30 -5.52 13.09
N SER B 196 10.30 -4.65 13.19
CA SER B 196 10.28 -3.25 12.69
C SER B 196 10.85 -2.28 13.75
N VAL B 197 10.98 -2.73 15.00
CA VAL B 197 11.32 -1.86 16.16
C VAL B 197 12.56 -2.38 16.88
N LYS B 198 13.58 -1.52 17.00
CA LYS B 198 14.75 -1.73 17.87
C LYS B 198 14.38 -1.11 19.22
N ASP B 199 13.99 -1.97 20.16
CA ASP B 199 13.49 -1.61 21.50
C ASP B 199 14.63 -1.83 22.49
N PRO B 200 15.15 -0.77 23.14
CA PRO B 200 16.29 -0.89 24.03
C PRO B 200 16.02 -1.81 25.24
N HIS B 201 14.75 -2.10 25.58
CA HIS B 201 14.44 -3.07 26.67
C HIS B 201 14.96 -4.48 26.27
N TYR B 202 15.15 -4.75 24.97
CA TYR B 202 15.46 -6.10 24.45
C TYR B 202 16.78 -6.09 23.66
N GLY B 203 17.19 -4.96 23.07
CA GLY B 203 18.31 -4.89 22.12
C GLY B 203 18.18 -5.92 21.02
N GLY B 204 19.16 -6.81 20.85
CA GLY B 204 19.12 -7.85 19.80
C GLY B 204 18.44 -9.13 20.25
N ASP B 205 17.77 -9.11 21.41
CA ASP B 205 17.07 -10.30 21.97
C ASP B 205 15.66 -10.42 21.37
N THR B 206 15.57 -10.98 20.18
CA THR B 206 14.33 -11.03 19.39
C THR B 206 13.33 -11.98 20.06
N ALA B 207 13.80 -13.05 20.70
CA ALA B 207 12.93 -14.07 21.34
C ALA B 207 12.13 -13.43 22.48
N LYS B 208 12.80 -12.71 23.38
CA LYS B 208 12.11 -12.08 24.54
C LYS B 208 11.20 -10.98 23.98
N GLN B 209 11.68 -10.24 22.97
CA GLN B 209 10.95 -9.07 22.43
C GLN B 209 9.61 -9.56 21.87
N ILE B 210 9.62 -10.60 21.04
CA ILE B 210 8.36 -11.01 20.34
C ILE B 210 7.41 -11.64 21.36
N LYS B 211 7.91 -12.31 22.40
CA LYS B 211 7.04 -12.96 23.41
C LYS B 211 6.26 -11.86 24.17
N GLU B 212 6.93 -10.76 24.52
CA GLU B 212 6.36 -9.74 25.41
C GLU B 212 5.75 -8.61 24.57
N ASN B 213 6.32 -8.30 23.41
CA ASN B 213 5.86 -7.16 22.58
C ASN B 213 5.87 -7.53 21.10
N PRO B 214 4.99 -8.43 20.64
CA PRO B 214 5.02 -8.87 19.24
C PRO B 214 4.66 -7.74 18.25
N TYR B 215 3.91 -6.73 18.71
CA TYR B 215 3.45 -5.62 17.86
C TYR B 215 3.53 -4.31 18.63
N TYR B 216 3.93 -3.27 17.92
CA TYR B 216 4.07 -1.89 18.39
C TYR B 216 3.18 -1.00 17.53
N MET B 217 2.98 0.22 17.99
CA MET B 217 2.17 1.20 17.28
C MET B 217 3.05 2.41 16.97
N VAL B 218 3.17 2.80 15.71
CA VAL B 218 3.82 4.09 15.36
C VAL B 218 2.71 5.13 15.21
N VAL B 219 2.79 6.19 15.99
CA VAL B 219 1.72 7.21 16.14
C VAL B 219 2.20 8.49 15.47
N LYS B 220 1.30 9.15 14.73
CA LYS B 220 1.53 10.47 14.13
C LYS B 220 0.59 11.48 14.78
N LYS B 221 1.15 12.44 15.48
CA LYS B 221 0.41 13.48 16.22
C LYS B 221 0.75 14.83 15.61
N GLN B 222 -0.25 15.67 15.37
CA GLN B 222 -0.04 16.94 14.64
C GLN B 222 -0.79 18.08 15.31
N TRP B 223 -0.27 19.27 15.10
CA TRP B 223 -0.83 20.53 15.60
C TRP B 223 -0.19 21.68 14.84
N TRP B 224 -0.86 22.82 14.85
CA TRP B 224 -0.36 24.08 14.27
C TRP B 224 0.37 24.86 15.37
N LYS B 225 1.54 25.38 15.05
CA LYS B 225 2.38 26.18 15.94
C LYS B 225 2.51 27.58 15.36
N LYS B 226 2.26 28.59 16.18
CA LYS B 226 2.40 30.01 15.76
C LYS B 226 3.89 30.36 15.70
N GLN B 227 4.38 30.80 14.54
CA GLN B 227 5.78 31.22 14.35
C GLN B 227 5.94 32.70 14.68
N GLU B 228 4.91 33.51 14.36
CA GLU B 228 4.96 35.00 14.39
C GLU B 228 3.55 35.56 14.55
N SER B 229 3.43 36.69 15.27
CA SER B 229 2.24 37.56 15.34
C SER B 229 2.69 39.01 15.24
N TYR B 230 2.03 39.82 14.41
CA TYR B 230 2.29 41.29 14.28
C TYR B 230 1.04 41.98 13.72
N VAL B 231 0.84 43.24 14.05
CA VAL B 231 -0.20 44.08 13.39
C VAL B 231 0.53 45.12 12.56
N LEU B 232 0.44 44.99 11.24
CA LEU B 232 1.09 45.89 10.25
C LEU B 232 0.28 47.19 10.15
N ALA B 233 0.96 48.31 10.34
CA ALA B 233 0.46 49.66 10.01
C ALA B 233 0.17 49.70 8.52
N PRO B 234 -0.72 50.61 8.05
CA PRO B 234 -1.09 50.66 6.64
C PRO B 234 0.19 50.78 5.81
N SER B 235 0.35 49.96 4.77
CA SER B 235 1.45 50.09 3.77
C SER B 235 2.78 49.52 4.30
N GLU B 236 2.83 49.07 5.56
CA GLU B 236 4.09 48.69 6.26
C GLU B 236 4.62 47.38 5.68
N ARG B 237 5.94 47.31 5.49
CA ARG B 237 6.70 46.05 5.26
C ARG B 237 7.22 45.55 6.61
N TYR B 238 6.90 44.31 6.93
CA TYR B 238 7.39 43.60 8.13
C TYR B 238 8.24 42.41 7.68
N ASP B 239 9.50 42.38 8.12
CA ASP B 239 10.46 41.27 7.96
C ASP B 239 10.61 40.52 9.29
N PHE B 240 10.72 39.19 9.22
CA PHE B 240 11.04 38.32 10.37
C PHE B 240 11.65 37.02 9.86
N VAL B 241 12.08 36.22 10.81
CA VAL B 241 12.89 34.99 10.57
C VAL B 241 12.17 33.85 11.30
N THR B 242 12.15 32.66 10.67
CA THR B 242 11.65 31.42 11.29
C THR B 242 12.72 30.35 11.21
N THR B 243 12.70 29.44 12.17
CA THR B 243 13.49 28.19 12.16
C THR B 243 12.52 27.03 11.95
N THR B 244 12.83 26.15 11.02
CA THR B 244 11.98 25.00 10.65
C THR B 244 12.84 23.77 10.51
N GLY B 245 12.20 22.60 10.47
CA GLY B 245 12.84 21.32 10.21
C GLY B 245 12.83 20.42 11.43
N ILE B 246 13.93 19.75 11.67
CA ILE B 246 14.01 18.67 12.68
C ILE B 246 15.45 18.64 13.18
N ARG B 247 15.64 18.38 14.48
CA ARG B 247 16.97 18.35 15.11
C ARG B 247 17.68 17.08 14.68
N VAL B 248 19.01 17.14 14.57
CA VAL B 248 19.85 15.96 14.23
C VAL B 248 19.51 14.85 15.23
N THR B 249 19.38 15.17 16.52
CA THR B 249 19.06 14.19 17.60
C THR B 249 17.76 13.44 17.27
N ASP B 250 16.74 14.16 16.80
CA ASP B 250 15.40 13.57 16.48
C ASP B 250 15.53 12.62 15.26
N GLN B 251 16.28 13.00 14.23
CA GLN B 251 16.55 12.13 13.05
C GLN B 251 17.24 10.85 13.55
N GLU B 252 18.19 10.98 14.48
CA GLU B 252 18.95 9.82 15.03
C GLU B 252 18.01 8.90 15.82
N THR B 253 17.05 9.46 16.55
CA THR B 253 16.07 8.67 17.32
C THR B 253 15.21 7.86 16.35
N ALA B 254 14.71 8.49 15.31
CA ALA B 254 13.87 7.81 14.30
C ALA B 254 14.68 6.64 13.72
N THR B 255 15.89 6.93 13.26
CA THR B 255 16.76 5.97 12.57
C THR B 255 17.02 4.77 13.48
N LYS B 256 17.40 5.02 14.73
CA LYS B 256 17.75 3.88 15.63
C LYS B 256 16.48 3.14 16.09
N THR B 257 15.29 3.75 16.03
CA THR B 257 14.05 3.10 16.57
C THR B 257 13.34 2.32 15.46
N VAL B 258 13.12 2.96 14.30
CA VAL B 258 12.32 2.35 13.21
C VAL B 258 13.10 2.32 11.89
N SER B 259 14.35 2.77 11.89
CA SER B 259 15.26 2.69 10.72
C SER B 259 14.70 3.49 9.54
N TRP B 260 14.01 4.61 9.81
CA TRP B 260 13.72 5.63 8.79
C TRP B 260 13.86 7.01 9.40
N SER B 261 13.97 8.00 8.54
CA SER B 261 14.17 9.42 8.91
C SER B 261 13.38 10.28 7.93
N ILE B 262 13.43 11.59 8.12
CA ILE B 262 12.71 12.56 7.25
C ILE B 262 13.66 13.08 6.18
N GLY B 263 13.32 12.88 4.91
CA GLY B 263 14.08 13.42 3.79
C GLY B 263 13.89 14.92 3.70
N ALA B 264 14.77 15.61 2.99
CA ALA B 264 14.74 17.09 2.83
C ALA B 264 13.43 17.51 2.13
N ASP B 265 12.77 16.59 1.41
CA ASP B 265 11.47 16.84 0.71
C ASP B 265 10.29 16.50 1.62
N MET B 266 10.52 16.25 2.91
CA MET B 266 9.47 15.98 3.95
C MET B 266 8.91 14.55 3.82
N GLY B 267 9.39 13.75 2.88
CA GLY B 267 9.01 12.33 2.74
C GLY B 267 9.77 11.45 3.73
N PHE B 268 9.31 10.21 3.90
CA PHE B 268 10.01 9.18 4.70
C PHE B 268 11.19 8.65 3.90
N SER B 269 12.35 8.62 4.55
CA SER B 269 13.62 8.09 3.98
C SER B 269 13.92 6.72 4.62
N PHE B 270 13.70 5.64 3.88
CA PHE B 270 13.78 4.25 4.38
C PHE B 270 15.16 3.66 4.10
N LYS B 271 15.62 2.84 5.03
CA LYS B 271 16.93 2.13 4.96
C LYS B 271 16.87 0.98 5.97
N GLY B 272 17.79 0.04 5.88
CA GLY B 272 17.91 -1.08 6.82
C GLY B 272 16.56 -1.73 7.08
N PHE B 273 16.18 -1.91 8.35
CA PHE B 273 15.09 -2.83 8.71
C PHE B 273 13.70 -2.20 8.47
N SER B 274 13.61 -0.99 7.91
CA SER B 274 12.34 -0.38 7.44
C SER B 274 12.13 -0.65 5.94
N MET B 275 13.14 -1.05 5.19
CA MET B 275 12.97 -1.48 3.77
C MET B 275 12.01 -2.67 3.77
N GLY B 276 11.05 -2.68 2.85
CA GLY B 276 9.95 -3.67 2.83
C GLY B 276 8.70 -3.15 3.49
N MET B 277 8.81 -2.07 4.27
N MET B 277 8.81 -2.10 4.31
CA MET B 277 7.68 -1.47 5.01
CA MET B 277 7.65 -1.51 5.00
C MET B 277 7.39 -0.06 4.51
C MET B 277 7.45 -0.05 4.55
N SER B 278 8.01 0.35 3.40
CA SER B 278 7.89 1.74 2.87
C SER B 278 6.43 2.03 2.48
N SER B 279 5.72 1.07 1.88
CA SER B 279 4.32 1.21 1.46
C SER B 279 3.44 1.38 2.71
N GLN B 280 3.54 0.47 3.69
CA GLN B 280 2.69 0.53 4.91
C GLN B 280 2.94 1.86 5.64
N TYR B 281 4.18 2.24 5.86
CA TYR B 281 4.51 3.47 6.62
C TYR B 281 3.98 4.71 5.88
N SER B 282 4.27 4.85 4.59
CA SER B 282 3.89 6.03 3.79
C SER B 282 2.35 6.12 3.68
N GLN B 283 1.67 4.99 3.43
CA GLN B 283 0.20 4.96 3.22
C GLN B 283 -0.53 5.19 4.57
N GLU B 284 -0.16 4.48 5.61
CA GLU B 284 -0.95 4.46 6.87
C GLU B 284 -0.60 5.68 7.71
N LEU B 285 0.60 6.24 7.58
CA LEU B 285 0.93 7.49 8.29
C LEU B 285 0.74 8.70 7.37
N GLN B 286 0.23 8.48 6.15
CA GLN B 286 -0.21 9.54 5.20
C GLN B 286 0.94 10.53 4.99
N THR B 287 2.13 10.00 4.70
CA THR B 287 3.35 10.78 4.39
C THR B 287 3.98 10.14 3.15
N SER B 288 4.33 10.95 2.18
CA SER B 288 5.02 10.50 0.94
C SER B 288 6.33 9.77 1.27
N ILE B 289 6.74 8.86 0.38
CA ILE B 289 8.11 8.30 0.35
C ILE B 289 9.03 9.39 -0.19
N SER B 290 10.17 9.62 0.47
CA SER B 290 11.14 10.65 0.06
C SER B 290 11.69 10.28 -1.32
N HIS B 291 11.93 11.27 -2.17
CA HIS B 291 12.59 11.09 -3.49
C HIS B 291 14.05 11.52 -3.39
N THR B 292 14.60 11.68 -2.18
CA THR B 292 15.97 12.21 -1.95
C THR B 292 16.63 11.47 -0.78
N THR B 293 17.96 11.32 -0.85
CA THR B 293 18.81 10.78 0.24
C THR B 293 19.16 11.92 1.19
N GLU B 294 19.02 13.17 0.73
CA GLU B 294 19.28 14.35 1.59
C GLU B 294 18.26 14.36 2.73
N GLN B 295 18.74 14.52 3.96
CA GLN B 295 17.94 14.53 5.21
C GLN B 295 17.50 15.95 5.52
N LEU B 296 16.27 16.10 6.01
CA LEU B 296 15.76 17.39 6.55
C LEU B 296 16.66 17.83 7.71
N LYS B 297 16.97 19.12 7.79
CA LYS B 297 17.72 19.73 8.92
C LYS B 297 16.97 20.95 9.42
N GLU B 298 17.52 21.62 10.43
CA GLU B 298 17.09 22.94 10.88
C GLU B 298 17.55 23.99 9.87
N GLU B 299 16.63 24.79 9.35
CA GLU B 299 16.92 25.92 8.43
C GLU B 299 16.25 27.17 8.96
N THR B 300 16.86 28.31 8.71
CA THR B 300 16.33 29.65 8.98
C THR B 300 15.81 30.23 7.66
N GLN B 301 14.60 30.79 7.65
CA GLN B 301 14.05 31.50 6.47
C GLN B 301 13.84 32.96 6.84
N GLU B 302 14.12 33.84 5.88
CA GLU B 302 13.69 35.25 5.82
C GLU B 302 12.27 35.33 5.25
N HIS B 303 11.40 36.10 5.89
CA HIS B 303 10.01 36.35 5.44
C HIS B 303 9.78 37.86 5.32
N HIS B 304 9.08 38.27 4.27
CA HIS B 304 8.54 39.64 4.11
C HIS B 304 7.01 39.56 4.03
N VAL B 305 6.34 40.48 4.70
CA VAL B 305 4.88 40.73 4.59
C VAL B 305 4.70 42.23 4.36
N THR B 306 4.05 42.60 3.27
CA THR B 306 3.61 44.00 3.01
C THR B 306 2.09 44.04 3.06
N ASN B 307 1.56 45.02 3.79
CA ASN B 307 0.12 45.27 4.02
C ASN B 307 -0.47 45.94 2.77
N PRO B 308 -1.35 45.25 1.99
CA PRO B 308 -1.88 45.81 0.75
C PRO B 308 -3.03 46.80 0.99
N PHE B 309 -3.51 46.90 2.23
CA PHE B 309 -4.70 47.72 2.61
C PHE B 309 -4.20 49.08 3.11
N LEU B 310 -5.00 50.14 2.92
CA LEU B 310 -4.68 51.47 3.48
C LEU B 310 -5.27 51.57 4.90
N GLU B 311 -5.55 50.43 5.52
CA GLU B 311 -5.72 50.32 6.99
C GLU B 311 -4.92 49.12 7.52
N ARG B 312 -4.85 49.01 8.84
CA ARG B 312 -4.02 48.03 9.57
C ARG B 312 -4.38 46.59 9.13
N MET B 313 -3.39 45.71 9.13
CA MET B 313 -3.57 44.25 8.88
C MET B 313 -2.92 43.44 10.00
N ALA B 314 -3.70 42.63 10.71
CA ALA B 314 -3.18 41.58 11.63
C ALA B 314 -2.57 40.45 10.81
N TYR B 315 -1.45 39.92 11.26
CA TYR B 315 -0.68 38.85 10.57
C TYR B 315 -0.17 37.84 11.59
N SER B 316 -0.55 36.58 11.44
CA SER B 316 0.06 35.44 12.15
C SER B 316 0.51 34.42 11.11
N ARG B 317 1.56 33.68 11.45
CA ARG B 317 2.03 32.58 10.61
C ARG B 317 2.05 31.33 11.46
N TYR B 318 1.45 30.27 10.93
CA TYR B 318 1.34 28.95 11.56
C TYR B 318 2.08 27.95 10.69
N ILE B 319 2.72 27.01 11.34
CA ILE B 319 3.44 25.90 10.68
C ILE B 319 2.93 24.59 11.28
N LEU B 320 2.83 23.57 10.42
CA LEU B 320 2.37 22.23 10.78
C LEU B 320 3.50 21.51 11.50
N VAL B 321 3.23 21.08 12.72
CA VAL B 321 4.14 20.27 13.57
C VAL B 321 3.68 18.82 13.46
N THR B 322 4.61 17.91 13.23
CA THR B 322 4.36 16.46 13.23
C THR B 322 5.30 15.80 14.22
N GLU B 323 4.72 15.08 15.18
CA GLU B 323 5.44 14.25 16.16
C GLU B 323 5.16 12.79 15.84
N TYR B 324 6.20 12.00 15.70
CA TYR B 324 6.12 10.54 15.54
C TYR B 324 6.65 9.90 16.80
N TYR B 325 6.00 8.84 17.27
CA TYR B 325 6.55 8.01 18.38
C TYR B 325 6.07 6.59 18.25
N VAL B 326 6.80 5.72 18.94
CA VAL B 326 6.54 4.27 18.99
C VAL B 326 6.02 3.93 20.38
N GLN B 327 4.81 3.39 20.43
CA GLN B 327 4.09 3.07 21.67
C GLN B 327 4.02 1.55 21.76
N ARG B 328 4.31 1.02 22.94
CA ARG B 328 4.13 -0.42 23.26
C ARG B 328 2.65 -0.65 23.58
N LYS B 329 2.21 -1.90 23.53
CA LYS B 329 0.81 -2.25 23.86
C LYS B 329 0.43 -1.67 25.24
N ASN B 330 1.35 -1.65 26.19
CA ASN B 330 1.09 -1.21 27.59
C ASN B 330 1.11 0.33 27.69
N GLY B 331 1.30 1.05 26.59
CA GLY B 331 1.18 2.53 26.58
C GLY B 331 2.52 3.25 26.79
N THR B 332 3.60 2.54 27.13
CA THR B 332 4.93 3.13 27.32
C THR B 332 5.55 3.49 25.96
N ILE B 333 6.54 4.37 25.97
CA ILE B 333 7.18 4.91 24.75
C ILE B 333 8.55 4.26 24.57
N VAL B 334 8.84 3.78 23.35
CA VAL B 334 10.19 3.26 22.97
C VAL B 334 11.06 4.46 22.65
N ASN B 335 12.18 4.60 23.36
CA ASN B 335 13.10 5.74 23.21
C ASN B 335 12.31 7.03 23.47
N ALA B 336 12.14 7.87 22.47
CA ALA B 336 11.45 9.16 22.62
C ALA B 336 10.84 9.54 21.27
N PRO B 337 9.92 10.54 21.26
CA PRO B 337 9.34 11.02 20.02
C PRO B 337 10.38 11.74 19.16
N TRP B 338 10.10 11.86 17.87
CA TRP B 338 10.83 12.81 17.00
C TRP B 338 9.82 13.78 16.36
N THR B 339 10.19 15.06 16.31
CA THR B 339 9.25 16.16 16.04
C THR B 339 9.82 17.02 14.91
N MET B 340 9.00 17.35 13.92
CA MET B 340 9.42 18.19 12.75
C MET B 340 8.44 19.33 12.56
N THR B 341 8.91 20.44 12.01
CA THR B 341 8.06 21.49 11.41
C THR B 341 8.32 21.50 9.91
N ASP B 342 7.26 21.62 9.12
CA ASP B 342 7.27 21.48 7.65
C ASP B 342 7.14 22.89 7.03
N LYS B 343 8.23 23.44 6.52
CA LYS B 343 8.26 24.80 5.94
C LYS B 343 7.31 24.90 4.74
N THR B 344 6.95 23.76 4.11
CA THR B 344 6.11 23.74 2.89
C THR B 344 4.63 23.72 3.29
N ASN B 345 4.33 23.59 4.59
CA ASN B 345 2.95 23.59 5.14
C ASN B 345 2.87 24.65 6.23
N ALA B 346 3.15 25.88 5.85
CA ALA B 346 3.02 27.06 6.70
C ALA B 346 1.97 27.97 6.07
N HIS B 347 1.17 28.64 6.89
CA HIS B 347 0.01 29.43 6.45
C HIS B 347 0.04 30.76 7.17
N ALA B 348 -0.01 31.83 6.38
CA ALA B 348 -0.30 33.21 6.84
C ALA B 348 -1.81 33.32 7.03
N VAL B 349 -2.22 33.85 8.18
CA VAL B 349 -3.61 34.23 8.46
C VAL B 349 -3.58 35.71 8.77
N THR B 350 -4.40 36.45 8.07
CA THR B 350 -4.43 37.93 8.11
C THR B 350 -5.84 38.37 8.46
N PHE B 351 -5.95 39.58 8.94
CA PHE B 351 -7.25 40.29 9.06
C PHE B 351 -6.99 41.73 8.67
N PRO B 352 -7.61 42.24 7.57
CA PRO B 352 -8.51 41.47 6.72
C PRO B 352 -7.93 40.23 6.02
N LYS B 353 -8.77 39.28 5.65
CA LYS B 353 -8.33 37.99 5.01
C LYS B 353 -7.96 38.26 3.54
N SER B 354 -6.76 37.85 3.12
CA SER B 354 -6.31 37.86 1.69
C SER B 354 -5.52 36.58 1.40
N THR B 355 -5.99 35.44 1.95
CA THR B 355 -5.35 34.11 1.91
C THR B 355 -4.72 33.85 0.53
CA CA C . -27.64 15.14 1.67
C1 B3P D . -14.13 18.32 -8.79
C2 B3P D . -15.48 17.68 -9.10
C3 B3P D . -13.08 18.03 -9.83
N1 B3P D . -12.30 19.22 -10.16
C4 B3P D . -11.28 19.13 -11.24
C5 B3P D . -10.59 20.49 -11.34
C6 B3P D . -11.95 18.80 -12.58
C7 B3P D . -10.24 18.04 -10.92
N2 B3P D . -16.48 18.01 -8.07
C8 B3P D . -17.68 17.13 -7.96
C9 B3P D . -17.27 15.70 -7.58
C10 B3P D . -18.45 17.10 -9.28
C11 B3P D . -18.59 17.68 -6.86
O1 B3P D . -16.49 15.67 -6.40
O2 B3P D . -18.97 18.38 -9.62
O3 B3P D . -19.84 17.03 -6.86
O4 B3P D . -9.65 20.52 -12.41
O5 B3P D . -12.37 17.44 -12.66
O6 B3P D . -9.59 18.31 -9.69
C1 B3P E . -24.37 19.38 18.52
C2 B3P E . -24.59 18.56 19.77
C3 B3P E . -25.16 18.85 17.36
N1 B3P E . -24.87 19.56 16.11
C4 B3P E . -25.28 18.88 14.84
C5 B3P E . -26.61 18.13 15.04
C6 B3P E . -25.48 19.92 13.75
C7 B3P E . -24.22 17.86 14.39
N2 B3P E . -24.30 19.30 20.99
C8 B3P E . -24.80 18.75 22.28
C9 B3P E . -26.16 19.41 22.57
C10 B3P E . -23.82 19.12 23.39
C11 B3P E . -24.99 17.23 22.26
O1 B3P E . -27.13 19.04 21.60
O2 B3P E . -22.47 18.88 23.03
O3 B3P E . -23.76 16.52 22.29
O4 B3P E . -27.60 19.00 15.57
O5 B3P E . -26.34 19.43 12.74
O6 B3P E . -23.11 17.84 15.25
CA CA F . 16.42 -26.00 6.20
C1 B3P G . 8.70 -34.82 -6.76
C2 B3P G . 7.72 -34.98 -7.88
C3 B3P G . 9.57 -33.57 -6.84
N1 B3P G . 10.57 -33.58 -5.77
C4 B3P G . 11.34 -32.33 -5.51
C5 B3P G . 12.34 -32.18 -6.65
C6 B3P G . 12.09 -32.50 -4.18
C7 B3P G . 10.45 -31.08 -5.44
N2 B3P G . 7.31 -36.38 -8.02
C8 B3P G . 6.07 -36.70 -8.77
C9 B3P G . 4.83 -36.32 -7.94
C10 B3P G . 6.06 -38.21 -9.01
C11 B3P G . 6.03 -35.96 -10.11
O1 B3P G . 4.72 -34.91 -7.79
O2 B3P G . 4.88 -38.63 -9.68
O3 B3P G . 7.23 -36.16 -10.86
O4 B3P G . 13.03 -33.40 -6.89
O5 B3P G . 13.08 -31.49 -4.02
O6 B3P G . 9.36 -31.24 -4.54
C1 B3P H . 21.97 -9.82 3.26
C2 B3P H . 22.54 -11.02 3.98
C3 B3P H . 22.03 -9.91 1.74
N1 B3P H . 21.49 -8.70 1.11
C4 B3P H . 22.27 -7.43 1.22
C5 B3P H . 21.88 -6.50 0.08
C6 B3P H . 23.77 -7.73 1.14
C7 B3P H . 21.95 -6.74 2.56
N2 B3P H . 21.90 -12.26 3.55
C8 B3P H . 21.45 -13.21 4.61
C9 B3P H . 22.50 -13.33 5.71
C10 B3P H . 21.24 -14.57 3.93
C11 B3P H . 20.13 -12.75 5.23
O1 B3P H . 23.81 -13.09 5.22
O2 B3P H . 21.27 -15.59 4.89
O3 B3P H . 19.09 -12.72 4.26
O4 B3P H . 20.59 -6.81 -0.44
O5 B3P H . 24.53 -6.54 1.01
O6 B3P H . 22.93 -5.78 2.91
C1 CIT I . -1.59 -12.13 -0.46
O1 CIT I . -0.89 -12.49 -1.43
O2 CIT I . -1.77 -10.93 -0.15
C2 CIT I . -2.24 -13.21 0.40
C3 CIT I . -3.69 -13.57 0.05
O7 CIT I . -4.55 -12.57 0.54
C4 CIT I . -3.83 -13.67 -1.48
C5 CIT I . -3.05 -14.79 -2.15
O3 CIT I . -3.70 -15.73 -2.65
O4 CIT I . -1.80 -14.71 -2.17
C6 CIT I . -4.05 -14.94 0.69
O5 CIT I . -4.66 -15.78 -0.03
O6 CIT I . -3.75 -15.12 1.88
#